data_6LEU
#
_entry.id   6LEU
#
_cell.length_a   56.308
_cell.length_b   154.488
_cell.length_c   163.939
_cell.angle_alpha   90.000
_cell.angle_beta   90.000
_cell.angle_gamma   90.000
#
_symmetry.space_group_name_H-M   'P 21 21 21'
#
loop_
_entity.id
_entity.type
_entity.pdbx_description
1 polymer 'Bifunctional dihydrofolate reductase-thymidylate synthase'
2 non-polymer "2'-DEOXYURIDINE 5'-MONOPHOSPHATE"
3 non-polymer 'NADPH DIHYDRO-NICOTINAMIDE-ADENINE-DINUCLEOTIDE PHOSPHATE'
4 non-polymer 1-[3-[(4-chlorophenyl)-(phenylmethyl)amino]propoxy]-6,6-dimethyl-1,3,5-triazine-2,4-diamine
5 water water
#
_entity_poly.entity_id   1
_entity_poly.type   'polypeptide(L)'
_entity_poly.pdbx_seq_one_letter_code
;MMEQVCDVFDIYAICACCKVESKNEGKKNEVFNNYTFRGLGNKGVLPWKCISLDMKYFRAVTTYVNESKYEKLKYKRCKY
LNKETVDNVNDMPNSKKLQNVVVMGRTNWESIPKKFKPLSNRINVILSRTLKKEDFDEDVYIINKVEDLIVLLGKLNYYK
CFILGGSVVYQEFLEKKLIKKIYFTRINSTYECDVFFPEINENEYQIISVSDVYTSNNTTLDFIIYKKTNNKMLNEQNCI
KGEEKNNDMPLKNDDKDTCHMKKLTEFYKNVDKYKINYENDDDDEEEDDFVYFNFNKEKEEKNKNSIHPNDFQIYNSLKY
KYHPEYQYLNIIYDIMMNGNKQSDRTGVGVLSKFGYIMKFDLSQYFPLLTTKKLFLRGIIEELLWFIRGETNGNTLLNKN
VRIWEANGTREFLDNRKLFHREVNDLGPIYGFQWRHFGAEYTNMYDNYENKGVDQLKNIINLIKNDPTSRRILLCAWNVK
DLDQMALPPCHILCQFYVFDGKLSCIMYQRSCDLGLGVPFNIASYSIFTHMIAQVCNLQPAQFIHVLGNAHVYNNHIDSL
KIQLNRIPYPFPTLKLNPDIKNIEDFTISDFTIQNYVHHEKISMDMAA
;
_entity_poly.pdbx_strand_id   A,B
#
loop_
_chem_comp.id
_chem_comp.type
_chem_comp.name
_chem_comp.formula
E9X non-polymer 1-[3-[(4-chlorophenyl)-(phenylmethyl)amino]propoxy]-6,6-dimethyl-1,3,5-triazine-2,4-diamine 'C21 H27 Cl N6 O'
NDP non-polymer 'NADPH DIHYDRO-NICOTINAMIDE-ADENINE-DINUCLEOTIDE PHOSPHATE' 'C21 H30 N7 O17 P3'
UMP non-polymer '2'-DEOXYURIDINE 5'-MONOPHOSPHATE' 'C9 H13 N2 O8 P'
#
# COMPACT_ATOMS: atom_id res chain seq x y z
N GLU A 3 -17.60 -31.65 -20.90
CA GLU A 3 -16.33 -31.99 -20.16
C GLU A 3 -15.16 -32.10 -21.15
N GLN A 4 -14.36 -31.02 -21.28
CA GLN A 4 -13.41 -30.87 -22.41
C GLN A 4 -12.06 -31.49 -21.99
N VAL A 5 -11.38 -32.14 -22.94
CA VAL A 5 -10.16 -33.01 -22.81
C VAL A 5 -9.04 -32.27 -22.08
N CYS A 6 -8.98 -30.95 -22.30
CA CYS A 6 -7.83 -30.11 -21.89
C CYS A 6 -7.99 -29.71 -20.44
N ASP A 7 -9.21 -29.77 -19.91
CA ASP A 7 -9.47 -29.51 -18.46
C ASP A 7 -9.12 -30.76 -17.67
N VAL A 8 -9.36 -31.95 -18.22
CA VAL A 8 -9.15 -33.22 -17.48
C VAL A 8 -7.65 -33.51 -17.37
N PHE A 9 -6.94 -33.30 -18.49
CA PHE A 9 -5.51 -33.65 -18.66
C PHE A 9 -4.64 -32.43 -18.43
N ASP A 10 -5.25 -31.26 -18.20
CA ASP A 10 -4.56 -30.00 -17.82
C ASP A 10 -3.42 -29.75 -18.82
N ILE A 11 -3.80 -29.58 -20.09
CA ILE A 11 -2.86 -29.32 -21.22
C ILE A 11 -2.74 -27.81 -21.41
N TYR A 12 -1.59 -27.23 -21.09
CA TYR A 12 -1.35 -25.78 -21.30
C TYR A 12 -0.31 -25.60 -22.40
N ALA A 13 -0.32 -24.43 -23.06
CA ALA A 13 0.75 -23.98 -23.99
C ALA A 13 1.62 -22.97 -23.27
N ILE A 14 2.91 -22.98 -23.51
CA ILE A 14 3.76 -21.87 -23.00
C ILE A 14 4.65 -21.46 -24.15
N CYS A 15 4.74 -20.17 -24.43
CA CYS A 15 5.46 -19.67 -25.64
C CYS A 15 6.05 -18.33 -25.29
N ALA A 16 6.87 -17.77 -26.15
CA ALA A 16 7.40 -16.40 -25.98
C ALA A 16 7.39 -15.76 -27.37
N CYS A 17 6.85 -14.58 -27.53
CA CYS A 17 6.73 -13.97 -28.87
C CYS A 17 7.34 -12.57 -28.85
N CYS A 18 8.25 -12.33 -29.77
CA CYS A 18 8.77 -10.98 -30.06
C CYS A 18 7.87 -10.30 -31.10
N LYS A 19 8.14 -9.01 -31.35
CA LYS A 19 7.55 -8.26 -32.49
C LYS A 19 8.37 -8.57 -33.74
N VAL A 20 7.71 -8.49 -34.90
CA VAL A 20 8.30 -8.86 -36.23
C VAL A 20 8.42 -7.60 -37.08
N GLU A 21 9.29 -7.63 -38.10
CA GLU A 21 9.47 -6.53 -39.08
C GLU A 21 8.21 -6.44 -39.96
N SER A 22 7.31 -5.50 -39.66
CA SER A 22 5.95 -5.34 -40.30
C SER A 22 6.03 -4.35 -41.46
N ASN A 29 1.53 6.33 -38.88
CA ASN A 29 1.58 5.92 -37.46
C ASN A 29 1.25 4.43 -37.37
N GLU A 30 1.81 3.74 -36.37
CA GLU A 30 1.73 2.26 -36.22
C GLU A 30 0.54 1.89 -35.33
N VAL A 31 -0.34 0.99 -35.81
CA VAL A 31 -1.44 0.36 -35.01
C VAL A 31 -0.80 -0.79 -34.20
N PHE A 32 -1.20 -0.98 -32.94
CA PHE A 32 -0.80 -2.12 -32.10
C PHE A 32 -2.07 -2.83 -31.57
N ASN A 33 -2.03 -4.17 -31.57
CA ASN A 33 -3.07 -5.12 -31.08
C ASN A 33 -2.30 -6.26 -30.42
N ASN A 34 -2.93 -7.39 -30.05
CA ASN A 34 -2.23 -8.49 -29.32
C ASN A 34 -1.50 -9.40 -30.32
N TYR A 35 -1.79 -9.25 -31.62
CA TYR A 35 -1.03 -9.86 -32.75
C TYR A 35 0.34 -9.18 -32.97
N THR A 36 0.65 -8.08 -32.29
CA THR A 36 1.96 -7.40 -32.40
C THR A 36 3.06 -8.35 -31.95
N PHE A 37 2.79 -9.11 -30.89
CA PHE A 37 3.67 -10.17 -30.34
C PHE A 37 3.24 -11.54 -30.87
N ARG A 38 4.03 -12.07 -31.81
CA ARG A 38 3.62 -13.18 -32.71
C ARG A 38 4.83 -13.89 -33.31
N GLY A 39 6.03 -13.31 -33.22
CA GLY A 39 7.25 -13.90 -33.82
C GLY A 39 7.77 -14.98 -32.89
N LEU A 40 7.98 -16.20 -33.41
CA LEU A 40 8.30 -17.40 -32.58
C LEU A 40 9.75 -17.84 -32.76
N GLY A 41 10.21 -18.03 -34.00
CA GLY A 41 11.55 -18.57 -34.26
C GLY A 41 12.12 -18.08 -35.56
N ASN A 42 13.38 -18.41 -35.84
CA ASN A 42 14.06 -18.00 -37.10
C ASN A 42 15.05 -19.10 -37.51
N LYS A 43 14.96 -19.57 -38.75
CA LYS A 43 15.86 -20.60 -39.32
C LYS A 43 16.06 -21.72 -38.28
N GLY A 44 15.00 -22.20 -37.61
CA GLY A 44 14.98 -23.44 -36.82
C GLY A 44 15.52 -23.24 -35.41
N VAL A 45 15.88 -22.00 -35.04
CA VAL A 45 16.16 -21.62 -33.63
C VAL A 45 15.28 -20.43 -33.20
N LEU A 46 15.63 -19.83 -32.05
CA LEU A 46 14.87 -18.72 -31.45
C LEU A 46 15.40 -17.46 -32.08
N PRO A 47 14.54 -16.42 -32.25
CA PRO A 47 14.91 -15.18 -32.91
C PRO A 47 15.89 -14.30 -32.13
N TRP A 48 16.02 -14.52 -30.81
CA TRP A 48 16.84 -13.72 -29.86
C TRP A 48 18.01 -14.61 -29.44
N LYS A 49 19.13 -14.06 -28.96
CA LYS A 49 20.21 -14.87 -28.30
C LYS A 49 19.61 -15.49 -27.02
N CYS A 50 20.05 -15.09 -25.82
CA CYS A 50 19.43 -15.50 -24.53
C CYS A 50 18.51 -14.39 -24.04
N ILE A 51 17.32 -14.74 -23.57
CA ILE A 51 16.59 -13.89 -22.60
C ILE A 51 16.37 -14.74 -21.35
N SER A 52 17.34 -14.69 -20.42
CA SER A 52 17.51 -15.62 -19.27
C SER A 52 16.31 -15.52 -18.33
N LEU A 53 15.73 -14.35 -18.18
CA LEU A 53 14.51 -14.20 -17.34
C LEU A 53 13.35 -14.99 -17.96
N ASP A 54 13.24 -15.04 -19.30
CA ASP A 54 12.21 -15.90 -19.94
C ASP A 54 12.54 -17.38 -19.64
N MET A 55 13.81 -17.77 -19.66
CA MET A 55 14.20 -19.18 -19.35
C MET A 55 13.89 -19.44 -17.90
N LYS A 56 14.24 -18.52 -17.02
CA LYS A 56 14.01 -18.78 -15.60
C LYS A 56 12.50 -19.05 -15.40
N TYR A 57 11.66 -18.25 -16.07
CA TYR A 57 10.19 -18.32 -15.90
C TYR A 57 9.67 -19.61 -16.51
N PHE A 58 10.08 -19.86 -17.74
CA PHE A 58 9.86 -21.15 -18.43
C PHE A 58 10.15 -22.32 -17.47
N ARG A 59 11.35 -22.34 -16.87
CA ARG A 59 11.80 -23.38 -15.90
C ARG A 59 10.74 -23.53 -14.81
N ALA A 60 10.33 -22.40 -14.24
CA ALA A 60 9.48 -22.32 -13.05
C ALA A 60 8.09 -22.91 -13.35
N VAL A 61 7.52 -22.57 -14.49
CA VAL A 61 6.16 -23.05 -14.90
C VAL A 61 6.21 -24.55 -15.22
N THR A 62 7.20 -24.98 -16.00
CA THR A 62 7.23 -26.35 -16.56
C THR A 62 7.72 -27.35 -15.51
N THR A 63 8.42 -26.90 -14.46
CA THR A 63 8.94 -27.83 -13.41
C THR A 63 8.05 -27.75 -12.15
N TYR A 64 7.17 -26.75 -12.00
CA TYR A 64 6.42 -26.64 -10.73
C TYR A 64 5.29 -27.66 -10.70
N VAL A 65 5.22 -28.31 -9.54
CA VAL A 65 4.29 -29.42 -9.20
C VAL A 65 3.79 -29.15 -7.77
N ASN A 66 2.59 -29.62 -7.46
CA ASN A 66 2.03 -29.59 -6.10
C ASN A 66 1.34 -30.93 -5.84
N GLU A 67 1.97 -31.72 -5.00
CA GLU A 67 1.60 -33.12 -4.69
C GLU A 67 0.19 -33.11 -4.06
N SER A 68 -0.13 -32.08 -3.25
CA SER A 68 -1.43 -32.02 -2.54
C SER A 68 -2.57 -31.92 -3.56
N LYS A 69 -2.39 -31.16 -4.63
CA LYS A 69 -3.45 -30.97 -5.65
C LYS A 69 -3.42 -32.15 -6.63
N TYR A 70 -2.53 -33.14 -6.45
CA TYR A 70 -2.45 -34.29 -7.38
C TYR A 70 -3.65 -35.22 -7.15
N GLU A 71 -3.98 -35.53 -5.90
CA GLU A 71 -5.03 -36.52 -5.59
C GLU A 71 -6.34 -36.16 -6.33
N LYS A 72 -6.72 -34.87 -6.35
CA LYS A 72 -7.97 -34.38 -7.00
C LYS A 72 -7.84 -34.47 -8.53
N LEU A 73 -6.62 -34.36 -9.08
CA LEU A 73 -6.34 -34.49 -10.54
C LEU A 73 -6.48 -35.95 -10.95
N LYS A 74 -5.89 -36.86 -10.16
CA LYS A 74 -5.88 -38.33 -10.39
C LYS A 74 -7.32 -38.83 -10.38
N TYR A 75 -8.06 -38.53 -9.32
CA TYR A 75 -9.51 -38.85 -9.19
C TYR A 75 -10.23 -38.34 -10.45
N LYS A 76 -10.10 -37.04 -10.77
CA LYS A 76 -10.71 -36.36 -11.95
C LYS A 76 -10.48 -37.14 -13.24
N ARG A 77 -9.23 -37.56 -13.48
CA ARG A 77 -8.77 -38.19 -14.75
C ARG A 77 -9.29 -39.61 -14.78
N CYS A 78 -9.16 -40.33 -13.67
CA CYS A 78 -9.71 -41.69 -13.48
C CYS A 78 -11.24 -41.67 -13.68
N LYS A 79 -11.96 -40.70 -13.09
CA LYS A 79 -13.42 -40.48 -13.34
C LYS A 79 -13.70 -40.38 -14.85
N TYR A 80 -13.04 -39.47 -15.58
CA TYR A 80 -13.34 -39.21 -17.02
C TYR A 80 -13.07 -40.46 -17.86
N LEU A 81 -12.23 -41.41 -17.41
CA LEU A 81 -11.84 -42.63 -18.17
C LEU A 81 -12.66 -43.84 -17.70
N ASN A 82 -13.57 -43.67 -16.73
CA ASN A 82 -14.40 -44.76 -16.15
C ASN A 82 -13.47 -45.79 -15.50
N LYS A 83 -12.71 -45.36 -14.49
CA LYS A 83 -11.82 -46.19 -13.63
C LYS A 83 -12.19 -45.93 -12.15
N ASN A 94 2.99 -46.91 -9.98
CA ASN A 94 4.40 -47.08 -10.47
C ASN A 94 5.37 -46.51 -9.41
N SER A 95 5.75 -45.23 -9.50
CA SER A 95 6.68 -44.50 -8.57
C SER A 95 5.85 -43.64 -7.59
N LYS A 96 6.09 -42.31 -7.53
CA LYS A 96 5.14 -41.23 -7.08
C LYS A 96 5.89 -39.87 -6.94
N LYS A 97 7.02 -39.69 -7.67
CA LYS A 97 7.96 -38.51 -7.63
C LYS A 97 7.47 -37.42 -8.61
N LEU A 98 6.34 -36.79 -8.32
CA LEU A 98 5.46 -36.15 -9.32
C LEU A 98 6.24 -35.17 -10.18
N GLN A 99 6.01 -35.20 -11.49
CA GLN A 99 6.67 -34.37 -12.53
C GLN A 99 5.60 -33.92 -13.54
N ASN A 100 5.87 -32.86 -14.30
CA ASN A 100 5.02 -32.40 -15.41
C ASN A 100 5.50 -33.08 -16.70
N VAL A 101 4.61 -33.18 -17.67
CA VAL A 101 4.91 -33.63 -19.05
C VAL A 101 5.18 -32.37 -19.86
N VAL A 102 6.16 -32.42 -20.75
CA VAL A 102 6.37 -31.38 -21.79
C VAL A 102 6.34 -32.06 -23.16
N VAL A 103 5.87 -31.32 -24.16
CA VAL A 103 5.58 -31.85 -25.51
C VAL A 103 6.23 -30.91 -26.54
N MET A 104 7.02 -31.47 -27.46
CA MET A 104 7.86 -30.72 -28.41
C MET A 104 7.67 -31.22 -29.86
N GLY A 105 7.40 -30.30 -30.79
CA GLY A 105 7.71 -30.55 -32.20
C GLY A 105 9.12 -31.11 -32.31
N ARG A 106 9.42 -31.88 -33.37
CA ARG A 106 10.76 -32.45 -33.55
C ARG A 106 11.76 -31.30 -33.74
N THR A 107 11.38 -30.22 -34.43
CA THR A 107 12.38 -29.18 -34.78
C THR A 107 12.67 -28.44 -33.47
N ASN A 108 11.62 -28.13 -32.72
CA ASN A 108 11.72 -27.62 -31.32
C ASN A 108 12.84 -28.43 -30.65
N TRP A 109 12.72 -29.76 -30.69
CA TRP A 109 13.58 -30.72 -29.96
C TRP A 109 15.04 -30.63 -30.45
N GLU A 110 15.22 -30.42 -31.74
CA GLU A 110 16.54 -30.36 -32.41
C GLU A 110 17.14 -28.98 -32.29
N SER A 111 16.44 -27.99 -31.71
CA SER A 111 16.98 -26.63 -31.40
C SER A 111 17.66 -26.62 -30.03
N ILE A 112 17.36 -27.61 -29.18
CA ILE A 112 17.79 -27.65 -27.77
C ILE A 112 19.24 -28.14 -27.73
N PRO A 113 20.20 -27.36 -27.18
CA PRO A 113 21.55 -27.88 -26.96
C PRO A 113 21.48 -29.27 -26.29
N LYS A 114 22.20 -30.22 -26.90
CA LYS A 114 22.45 -31.62 -26.43
C LYS A 114 22.57 -31.68 -24.91
N LYS A 115 23.38 -30.85 -24.29
CA LYS A 115 23.72 -31.01 -22.85
C LYS A 115 22.49 -30.70 -21.97
N PHE A 116 21.39 -30.16 -22.52
CA PHE A 116 20.13 -29.87 -21.77
C PHE A 116 19.01 -30.87 -22.08
N LYS A 117 19.26 -31.89 -22.92
CA LYS A 117 18.25 -32.90 -23.34
C LYS A 117 18.46 -34.20 -22.56
N PRO A 118 17.37 -34.85 -22.10
CA PRO A 118 16.03 -34.24 -22.13
C PRO A 118 15.87 -33.17 -21.02
N LEU A 119 14.87 -32.28 -21.11
CA LEU A 119 14.61 -31.23 -20.09
C LEU A 119 14.56 -31.91 -18.73
N SER A 120 15.42 -31.51 -17.80
CA SER A 120 15.55 -32.12 -16.46
C SER A 120 14.24 -31.97 -15.70
N ASN A 121 13.86 -33.04 -14.99
CA ASN A 121 12.78 -33.05 -13.98
C ASN A 121 11.45 -32.89 -14.66
N ARG A 122 11.37 -33.27 -15.94
CA ARG A 122 10.13 -33.23 -16.76
C ARG A 122 10.10 -34.48 -17.63
N ILE A 123 8.89 -35.03 -17.81
CA ILE A 123 8.59 -36.17 -18.71
C ILE A 123 8.55 -35.61 -20.13
N ASN A 124 9.57 -35.91 -20.94
CA ASN A 124 9.76 -35.30 -22.28
C ASN A 124 9.01 -36.12 -23.32
N VAL A 125 8.10 -35.50 -24.06
CA VAL A 125 7.36 -36.10 -25.22
C VAL A 125 7.67 -35.29 -26.48
N ILE A 126 7.98 -35.97 -27.59
CA ILE A 126 8.32 -35.38 -28.92
C ILE A 126 7.38 -35.93 -30.00
N LEU A 127 6.71 -35.09 -30.77
CA LEU A 127 5.94 -35.54 -31.97
C LEU A 127 6.87 -35.61 -33.19
N SER A 128 6.83 -36.72 -33.92
CA SER A 128 7.56 -36.92 -35.20
C SER A 128 6.89 -38.01 -36.06
N ARG A 129 6.90 -37.80 -37.38
CA ARG A 129 6.67 -38.86 -38.40
C ARG A 129 8.06 -39.33 -38.86
N THR A 130 8.95 -38.41 -39.21
CA THR A 130 10.26 -38.80 -39.79
C THR A 130 11.07 -39.67 -38.80
N LEU A 131 10.88 -39.54 -37.47
CA LEU A 131 11.73 -40.19 -36.43
C LEU A 131 10.91 -41.14 -35.53
N LYS A 132 11.51 -42.26 -35.11
CA LYS A 132 10.84 -43.22 -34.20
C LYS A 132 11.74 -43.41 -32.97
N LYS A 133 11.27 -44.15 -31.98
CA LYS A 133 12.00 -44.26 -30.69
C LYS A 133 13.45 -44.71 -30.94
N GLU A 134 13.73 -45.46 -32.01
CA GLU A 134 15.09 -46.05 -32.22
C GLU A 134 16.00 -44.94 -32.78
N ASP A 135 15.43 -43.81 -33.16
CA ASP A 135 16.22 -42.65 -33.65
C ASP A 135 16.70 -41.77 -32.48
N PHE A 136 16.37 -42.12 -31.23
CA PHE A 136 16.72 -41.32 -30.02
C PHE A 136 17.45 -42.15 -28.96
N ASP A 137 18.48 -41.59 -28.33
CA ASP A 137 19.23 -42.17 -27.19
C ASP A 137 18.57 -41.88 -25.83
N GLU A 138 17.57 -40.99 -25.73
CA GLU A 138 17.50 -40.02 -24.60
C GLU A 138 16.63 -40.39 -23.38
N ASP A 139 15.55 -41.15 -23.51
CA ASP A 139 14.51 -41.16 -22.43
C ASP A 139 13.49 -40.06 -22.74
N VAL A 140 12.79 -40.27 -23.83
CA VAL A 140 11.73 -39.36 -24.33
C VAL A 140 10.63 -40.31 -24.80
N TYR A 141 9.38 -39.91 -24.68
CA TYR A 141 8.25 -40.59 -25.35
C TYR A 141 8.22 -39.96 -26.76
N ILE A 142 8.28 -40.80 -27.78
CA ILE A 142 8.01 -40.42 -29.20
C ILE A 142 6.57 -40.79 -29.54
N ILE A 143 5.82 -39.88 -30.16
CA ILE A 143 4.41 -40.13 -30.63
C ILE A 143 4.27 -39.66 -32.08
N ASN A 144 3.45 -40.40 -32.84
CA ASN A 144 3.06 -40.16 -34.26
C ASN A 144 2.08 -39.00 -34.42
N LYS A 145 1.29 -38.71 -33.38
CA LYS A 145 -0.01 -38.04 -33.53
C LYS A 145 -0.50 -37.51 -32.17
N VAL A 146 -1.46 -36.60 -32.21
CA VAL A 146 -1.97 -35.89 -31.01
C VAL A 146 -2.80 -36.86 -30.16
N GLU A 147 -3.74 -37.58 -30.75
CA GLU A 147 -4.56 -38.51 -29.92
C GLU A 147 -3.60 -39.49 -29.20
N ASP A 148 -2.31 -39.54 -29.55
CA ASP A 148 -1.32 -40.43 -28.88
C ASP A 148 -0.82 -39.77 -27.59
N LEU A 149 -0.85 -38.43 -27.50
CA LEU A 149 -0.54 -37.70 -26.24
C LEU A 149 -1.65 -37.98 -25.24
N ILE A 150 -2.91 -37.95 -25.69
CA ILE A 150 -4.14 -38.13 -24.82
C ILE A 150 -4.12 -39.55 -24.23
N VAL A 151 -3.64 -40.50 -25.01
CA VAL A 151 -3.52 -41.93 -24.61
C VAL A 151 -2.49 -42.01 -23.48
N LEU A 152 -1.26 -41.58 -23.77
CA LEU A 152 -0.12 -41.52 -22.81
C LEU A 152 -0.56 -40.84 -21.50
N LEU A 153 -1.23 -39.69 -21.60
CA LEU A 153 -1.58 -38.85 -20.44
C LEU A 153 -2.59 -39.60 -19.58
N GLY A 154 -3.40 -40.48 -20.15
CA GLY A 154 -4.33 -41.34 -19.38
C GLY A 154 -3.63 -42.50 -18.67
N LYS A 155 -2.34 -42.74 -18.98
CA LYS A 155 -1.54 -43.91 -18.53
C LYS A 155 -0.37 -43.44 -17.64
N LEU A 156 -0.08 -42.15 -17.56
CA LEU A 156 1.03 -41.59 -16.76
C LEU A 156 0.49 -40.91 -15.51
N ASN A 157 1.26 -40.99 -14.42
CA ASN A 157 1.21 -40.05 -13.28
C ASN A 157 2.03 -38.79 -13.63
N TYR A 158 1.34 -37.68 -13.82
CA TYR A 158 1.97 -36.36 -14.09
C TYR A 158 1.11 -35.26 -13.49
N TYR A 159 1.69 -34.10 -13.19
CA TYR A 159 0.95 -32.94 -12.62
C TYR A 159 0.19 -32.20 -13.73
N LYS A 160 0.90 -31.45 -14.56
CA LYS A 160 0.34 -30.72 -15.72
C LYS A 160 1.13 -31.08 -16.99
N CYS A 161 0.52 -30.87 -18.17
CA CYS A 161 1.09 -31.11 -19.53
C CYS A 161 1.28 -29.76 -20.22
N PHE A 162 2.52 -29.42 -20.62
CA PHE A 162 2.84 -28.15 -21.34
C PHE A 162 3.33 -28.44 -22.76
N ILE A 163 2.58 -27.85 -23.72
CA ILE A 163 2.88 -27.78 -25.17
C ILE A 163 3.97 -26.72 -25.31
N LEU A 164 5.21 -27.12 -25.60
CA LEU A 164 6.42 -26.25 -25.64
C LEU A 164 6.56 -25.68 -27.03
N GLY A 165 5.66 -26.08 -27.91
CA GLY A 165 5.59 -25.55 -29.28
C GLY A 165 6.48 -26.28 -30.27
N GLY A 166 7.05 -25.43 -31.12
CA GLY A 166 6.91 -25.49 -32.57
C GLY A 166 5.62 -24.76 -32.93
N SER A 167 5.70 -23.82 -33.87
CA SER A 167 4.51 -23.13 -34.45
C SER A 167 3.53 -24.15 -35.01
N VAL A 168 4.03 -25.28 -35.55
CA VAL A 168 3.16 -26.34 -36.11
C VAL A 168 2.41 -26.98 -34.93
N VAL A 169 3.15 -27.40 -33.91
CA VAL A 169 2.54 -28.00 -32.68
C VAL A 169 1.50 -27.01 -32.12
N TYR A 170 1.82 -25.71 -32.01
CA TYR A 170 0.88 -24.71 -31.41
C TYR A 170 -0.38 -24.68 -32.27
N GLN A 171 -0.21 -24.68 -33.60
CA GLN A 171 -1.34 -24.51 -34.56
C GLN A 171 -2.33 -25.67 -34.34
N GLU A 172 -1.84 -26.90 -34.48
CA GLU A 172 -2.69 -28.12 -34.37
C GLU A 172 -3.33 -28.23 -32.99
N PHE A 173 -2.70 -27.70 -31.93
CA PHE A 173 -3.21 -27.91 -30.55
C PHE A 173 -4.35 -26.95 -30.30
N LEU A 174 -4.32 -25.72 -30.82
CA LEU A 174 -5.44 -24.75 -30.65
C LEU A 174 -6.61 -25.10 -31.58
N GLU A 175 -6.35 -25.48 -32.83
CA GLU A 175 -7.48 -25.77 -33.78
C GLU A 175 -8.23 -27.04 -33.33
N LYS A 176 -7.64 -27.83 -32.42
CA LYS A 176 -8.28 -29.01 -31.79
C LYS A 176 -8.83 -28.59 -30.43
N LYS A 177 -8.75 -27.33 -30.05
CA LYS A 177 -9.27 -26.84 -28.76
C LYS A 177 -8.77 -27.77 -27.65
N LEU A 178 -7.46 -27.99 -27.59
CA LEU A 178 -6.78 -28.86 -26.59
C LEU A 178 -5.98 -28.06 -25.56
N ILE A 179 -5.98 -26.72 -25.64
CA ILE A 179 -5.21 -25.82 -24.73
C ILE A 179 -6.16 -25.10 -23.77
N LYS A 180 -5.96 -25.30 -22.46
CA LYS A 180 -6.78 -24.72 -21.37
C LYS A 180 -6.37 -23.26 -21.12
N LYS A 181 -5.05 -23.04 -21.09
CA LYS A 181 -4.43 -21.70 -20.94
C LYS A 181 -3.16 -21.64 -21.78
N ILE A 182 -2.76 -20.41 -22.14
CA ILE A 182 -1.51 -20.04 -22.83
C ILE A 182 -0.75 -19.14 -21.86
N TYR A 183 0.38 -19.62 -21.36
CA TYR A 183 1.47 -18.84 -20.72
C TYR A 183 2.32 -18.24 -21.84
N PHE A 184 1.99 -17.00 -22.19
CA PHE A 184 2.50 -16.24 -23.36
C PHE A 184 3.41 -15.13 -22.82
N THR A 185 4.68 -15.11 -23.22
CA THR A 185 5.70 -14.13 -22.80
C THR A 185 5.86 -13.07 -23.91
N ARG A 186 5.62 -11.78 -23.62
CA ARG A 186 5.78 -10.71 -24.63
C ARG A 186 7.22 -10.17 -24.57
N ILE A 187 8.04 -10.50 -25.57
CA ILE A 187 9.42 -9.94 -25.71
C ILE A 187 9.23 -8.61 -26.45
N ASN A 188 9.44 -7.48 -25.77
CA ASN A 188 9.14 -6.14 -26.33
C ASN A 188 10.37 -5.61 -27.09
N SER A 189 10.82 -6.38 -28.09
CA SER A 189 11.84 -5.99 -29.10
C SER A 189 11.52 -6.70 -30.41
N THR A 190 12.15 -6.29 -31.50
CA THR A 190 11.92 -6.85 -32.86
C THR A 190 13.12 -7.68 -33.27
N TYR A 191 12.86 -8.83 -33.88
CA TYR A 191 13.88 -9.72 -34.47
C TYR A 191 13.34 -10.34 -35.75
N GLU A 192 14.27 -10.85 -36.56
CA GLU A 192 13.96 -11.63 -37.78
C GLU A 192 13.33 -12.95 -37.34
N CYS A 193 12.20 -13.27 -37.94
CA CYS A 193 11.39 -14.48 -37.66
C CYS A 193 11.01 -15.11 -39.00
N ASP A 194 10.93 -16.43 -39.08
CA ASP A 194 10.36 -17.13 -40.27
C ASP A 194 9.12 -17.91 -39.83
N VAL A 195 8.92 -18.10 -38.52
CA VAL A 195 7.71 -18.77 -37.96
C VAL A 195 7.17 -17.93 -36.80
N PHE A 196 5.85 -18.03 -36.67
CA PHE A 196 4.93 -17.14 -35.95
C PHE A 196 3.93 -18.01 -35.18
N PHE A 197 3.43 -17.47 -34.08
CA PHE A 197 2.36 -18.08 -33.27
C PHE A 197 1.05 -17.74 -33.97
N PRO A 198 0.06 -18.65 -34.04
CA PRO A 198 -1.21 -18.34 -34.70
C PRO A 198 -1.90 -17.17 -34.01
N GLU A 199 -2.71 -16.44 -34.78
CA GLU A 199 -3.53 -15.32 -34.24
C GLU A 199 -4.50 -15.93 -33.22
N ILE A 200 -4.39 -15.55 -31.96
CA ILE A 200 -5.32 -16.06 -30.92
C ILE A 200 -6.69 -15.41 -31.19
N ASN A 201 -7.74 -16.22 -31.29
CA ASN A 201 -9.13 -15.72 -31.44
C ASN A 201 -9.59 -15.16 -30.08
N GLU A 202 -10.00 -13.90 -30.04
CA GLU A 202 -10.43 -13.22 -28.77
C GLU A 202 -11.75 -13.80 -28.28
N ASN A 203 -12.58 -14.36 -29.16
CA ASN A 203 -13.84 -15.01 -28.72
C ASN A 203 -13.45 -16.28 -27.97
N GLU A 204 -12.41 -16.98 -28.42
CA GLU A 204 -11.94 -18.28 -27.88
C GLU A 204 -11.05 -18.09 -26.64
N TYR A 205 -10.18 -17.08 -26.60
CA TYR A 205 -9.25 -16.85 -25.45
C TYR A 205 -9.34 -15.40 -24.99
N GLN A 206 -9.42 -15.16 -23.67
CA GLN A 206 -9.23 -13.81 -23.07
C GLN A 206 -8.06 -13.86 -22.09
N ILE A 207 -7.28 -12.78 -22.02
CA ILE A 207 -6.20 -12.56 -21.01
C ILE A 207 -6.86 -12.44 -19.64
N ILE A 208 -6.35 -13.12 -18.60
CA ILE A 208 -6.88 -13.03 -17.20
C ILE A 208 -5.82 -12.49 -16.22
N SER A 209 -4.55 -12.46 -16.59
CA SER A 209 -3.47 -12.07 -15.65
C SER A 209 -2.32 -11.50 -16.45
N VAL A 210 -1.68 -10.45 -15.93
CA VAL A 210 -0.53 -9.83 -16.61
C VAL A 210 0.50 -9.55 -15.52
N SER A 211 1.70 -10.06 -15.71
CA SER A 211 2.76 -10.05 -14.67
C SER A 211 3.32 -8.64 -14.56
N ASP A 212 4.27 -8.48 -13.65
CA ASP A 212 5.20 -7.32 -13.61
C ASP A 212 5.95 -7.27 -14.95
N VAL A 213 6.60 -6.13 -15.22
CA VAL A 213 7.46 -5.88 -16.41
C VAL A 213 8.91 -5.95 -15.93
N TYR A 214 9.74 -6.67 -16.66
CA TYR A 214 11.18 -6.82 -16.33
C TYR A 214 12.03 -6.40 -17.52
N THR A 215 13.32 -6.17 -17.26
CA THR A 215 14.41 -6.05 -18.25
C THR A 215 15.32 -7.29 -18.11
N SER A 216 15.63 -7.92 -19.24
CA SER A 216 16.57 -9.07 -19.34
C SER A 216 17.30 -8.92 -20.68
N ASN A 217 18.62 -8.95 -20.66
CA ASN A 217 19.42 -9.00 -21.91
C ASN A 217 19.05 -7.84 -22.85
N ASN A 218 18.92 -6.63 -22.30
CA ASN A 218 18.66 -5.38 -23.08
C ASN A 218 17.26 -5.36 -23.69
N THR A 219 16.27 -6.07 -23.12
CA THR A 219 14.86 -6.01 -23.58
C THR A 219 13.90 -6.12 -22.40
N THR A 220 12.79 -5.38 -22.48
CA THR A 220 11.69 -5.51 -21.50
C THR A 220 10.84 -6.69 -21.93
N LEU A 221 10.14 -7.26 -20.97
CA LEU A 221 9.19 -8.34 -21.22
C LEU A 221 8.27 -8.43 -20.03
N ASP A 222 7.13 -9.04 -20.27
CA ASP A 222 6.18 -9.43 -19.22
C ASP A 222 5.56 -10.76 -19.65
N PHE A 223 4.84 -11.35 -18.71
CA PHE A 223 4.21 -12.67 -18.82
C PHE A 223 2.70 -12.49 -18.71
N ILE A 224 1.98 -12.87 -19.74
CA ILE A 224 0.49 -12.82 -19.70
C ILE A 224 -0.02 -14.26 -19.80
N ILE A 225 -1.23 -14.47 -19.27
CA ILE A 225 -1.96 -15.76 -19.23
C ILE A 225 -3.28 -15.52 -19.98
N TYR A 226 -3.48 -16.20 -21.11
CA TYR A 226 -4.80 -16.33 -21.76
C TYR A 226 -5.50 -17.57 -21.21
N LYS A 227 -6.82 -17.50 -21.02
CA LYS A 227 -7.69 -18.63 -20.54
C LYS A 227 -8.72 -18.92 -21.62
N LYS A 228 -9.00 -20.19 -21.91
CA LYS A 228 -10.09 -20.66 -22.81
C LYS A 228 -11.40 -20.13 -22.25
N THR A 229 -12.17 -19.36 -23.03
CA THR A 229 -13.46 -18.74 -22.58
C THR A 229 -14.59 -19.78 -22.56
N ASN A 230 -15.61 -19.52 -21.74
CA ASN A 230 -16.79 -20.40 -21.51
C ASN A 230 -17.87 -20.12 -22.58
N ASN A 231 -17.73 -19.00 -23.32
CA ASN A 231 -18.54 -18.61 -24.52
C ASN A 231 -18.57 -19.77 -25.51
N ASP A 283 -6.52 -25.47 8.97
CA ASP A 283 -7.53 -24.62 9.67
C ASP A 283 -8.29 -23.78 8.63
N ASP A 284 -9.62 -23.79 8.69
CA ASP A 284 -10.54 -22.88 7.95
C ASP A 284 -11.53 -22.25 8.93
N GLU A 285 -11.15 -22.14 10.21
CA GLU A 285 -11.84 -21.30 11.24
C GLU A 285 -11.56 -19.83 10.88
N GLU A 286 -10.30 -19.56 10.51
CA GLU A 286 -9.72 -18.23 10.16
C GLU A 286 -10.22 -17.76 8.78
N GLU A 287 -11.01 -18.59 8.08
CA GLU A 287 -11.81 -18.15 6.89
C GLU A 287 -12.92 -17.22 7.37
N ASP A 288 -13.52 -17.50 8.54
CA ASP A 288 -14.78 -16.88 9.05
C ASP A 288 -14.48 -15.59 9.83
N ASP A 289 -13.44 -15.59 10.66
CA ASP A 289 -12.89 -14.41 11.38
C ASP A 289 -12.81 -13.21 10.44
N PHE A 290 -12.41 -13.45 9.19
CA PHE A 290 -12.39 -12.43 8.11
C PHE A 290 -13.75 -11.73 8.03
N VAL A 291 -14.83 -12.51 8.01
CA VAL A 291 -16.21 -12.01 7.70
C VAL A 291 -16.74 -11.26 8.93
N TYR A 292 -16.45 -11.79 10.12
CA TYR A 292 -16.77 -11.11 11.40
C TYR A 292 -16.11 -9.72 11.38
N PHE A 293 -14.81 -9.69 11.10
CA PHE A 293 -13.95 -8.49 11.14
C PHE A 293 -14.37 -7.47 10.06
N ASN A 294 -15.18 -7.84 9.06
CA ASN A 294 -15.67 -6.92 7.98
C ASN A 294 -17.16 -6.63 8.18
N PHE A 295 -17.61 -6.55 9.43
CA PHE A 295 -19.05 -6.42 9.81
C PHE A 295 -19.55 -4.99 9.61
N ASN A 296 -18.67 -3.99 9.64
CA ASN A 296 -19.06 -2.55 9.61
C ASN A 296 -19.10 -2.01 8.17
N LYS A 297 -18.50 -2.73 7.22
CA LYS A 297 -18.33 -2.32 5.80
C LYS A 297 -19.63 -1.73 5.24
N GLU A 298 -19.55 -0.50 4.74
CA GLU A 298 -20.69 0.31 4.21
C GLU A 298 -21.20 -0.35 2.92
N LYS A 299 -20.36 -0.48 1.90
CA LYS A 299 -20.76 -0.89 0.52
C LYS A 299 -21.51 -2.23 0.56
N GLU A 300 -22.84 -2.17 0.72
CA GLU A 300 -23.80 -3.20 0.22
C GLU A 300 -23.83 -3.12 -1.31
N GLU A 301 -23.37 -1.96 -1.83
CA GLU A 301 -23.19 -1.58 -3.26
C GLU A 301 -24.40 -0.72 -3.68
N LYS A 302 -24.78 0.23 -2.82
CA LYS A 302 -25.63 1.42 -3.14
C LYS A 302 -24.71 2.47 -3.81
N ASN A 303 -24.22 2.19 -5.03
CA ASN A 303 -22.94 2.69 -5.60
C ASN A 303 -22.60 4.10 -5.03
N LYS A 304 -21.62 4.16 -4.11
CA LYS A 304 -21.07 5.40 -3.50
C LYS A 304 -21.02 6.47 -4.59
N ASN A 305 -20.32 6.14 -5.67
CA ASN A 305 -20.29 6.93 -6.93
C ASN A 305 -20.94 6.09 -8.05
N SER A 306 -21.67 6.84 -8.93
CA SER A 306 -22.65 6.43 -9.98
C SER A 306 -21.92 5.98 -11.24
N ILE A 307 -20.84 5.24 -11.06
CA ILE A 307 -20.08 4.49 -12.10
C ILE A 307 -20.54 3.04 -11.93
N HIS A 308 -20.66 2.27 -13.02
CA HIS A 308 -21.33 0.94 -13.03
C HIS A 308 -20.27 -0.18 -13.14
N PRO A 309 -20.61 -1.44 -12.79
CA PRO A 309 -19.64 -2.53 -12.88
C PRO A 309 -19.50 -2.95 -14.36
N ASN A 310 -20.61 -3.26 -15.03
CA ASN A 310 -20.69 -3.78 -16.42
C ASN A 310 -19.75 -2.95 -17.33
N ASP A 311 -19.45 -1.69 -16.99
CA ASP A 311 -18.65 -0.79 -17.86
C ASP A 311 -17.16 -1.17 -17.84
N PHE A 312 -16.60 -1.52 -16.66
CA PHE A 312 -15.22 -2.07 -16.46
C PHE A 312 -15.22 -3.61 -16.51
N GLN A 313 -15.88 -4.21 -17.50
CA GLN A 313 -16.05 -5.70 -17.58
C GLN A 313 -14.65 -6.34 -17.65
N ILE A 314 -13.84 -5.91 -18.60
CA ILE A 314 -12.43 -6.38 -18.74
C ILE A 314 -11.63 -6.09 -17.46
N TYR A 315 -11.54 -4.82 -17.01
CA TYR A 315 -10.68 -4.41 -15.87
C TYR A 315 -10.96 -5.38 -14.72
N ASN A 316 -12.23 -5.62 -14.42
CA ASN A 316 -12.67 -6.37 -13.21
C ASN A 316 -12.47 -7.87 -13.40
N SER A 317 -12.35 -8.37 -14.63
CA SER A 317 -12.29 -9.83 -14.95
C SER A 317 -10.85 -10.35 -14.88
N LEU A 318 -9.84 -9.49 -14.79
CA LEU A 318 -8.43 -9.95 -14.67
C LEU A 318 -8.24 -10.34 -13.21
N LYS A 319 -7.56 -11.45 -12.97
CA LYS A 319 -7.27 -11.98 -11.62
C LYS A 319 -5.98 -11.30 -11.17
N TYR A 320 -4.88 -11.48 -11.89
CA TYR A 320 -3.58 -10.93 -11.44
C TYR A 320 -3.22 -9.71 -12.28
N LYS A 321 -3.27 -8.52 -11.66
CA LYS A 321 -3.01 -7.22 -12.35
C LYS A 321 -1.68 -6.65 -11.82
N TYR A 322 -0.57 -7.22 -12.24
CA TYR A 322 0.77 -6.96 -11.65
C TYR A 322 1.59 -6.02 -12.53
N HIS A 323 1.19 -5.77 -13.78
CA HIS A 323 1.80 -4.71 -14.62
C HIS A 323 1.82 -3.44 -13.78
N PRO A 324 2.96 -2.71 -13.66
CA PRO A 324 3.01 -1.48 -12.87
C PRO A 324 2.07 -0.39 -13.44
N GLU A 325 1.68 -0.48 -14.71
CA GLU A 325 0.72 0.53 -15.19
C GLU A 325 -0.53 0.51 -14.29
N TYR A 326 -0.86 -0.65 -13.68
CA TYR A 326 -2.10 -0.83 -12.88
C TYR A 326 -2.00 -0.05 -11.56
N GLN A 327 -0.81 0.36 -11.16
CA GLN A 327 -0.64 1.22 -9.97
C GLN A 327 -1.39 2.54 -10.20
N TYR A 328 -1.36 3.00 -11.45
CA TYR A 328 -2.01 4.25 -11.94
C TYR A 328 -3.44 3.95 -12.34
N LEU A 329 -3.68 2.80 -12.92
CA LEU A 329 -5.04 2.45 -13.35
C LEU A 329 -5.94 2.17 -12.15
N ASN A 330 -5.40 1.61 -11.06
CA ASN A 330 -6.16 1.21 -9.85
C ASN A 330 -6.57 2.41 -9.00
N ILE A 331 -5.80 3.50 -9.07
CA ILE A 331 -6.07 4.78 -8.35
C ILE A 331 -7.26 5.48 -9.03
N ILE A 332 -7.29 5.46 -10.37
CA ILE A 332 -8.44 5.96 -11.16
C ILE A 332 -9.66 5.12 -10.81
N TYR A 333 -9.50 3.82 -10.71
CA TYR A 333 -10.66 2.99 -10.26
C TYR A 333 -11.05 3.49 -8.87
N ASP A 334 -10.07 3.69 -7.97
CA ASP A 334 -10.34 4.01 -6.55
C ASP A 334 -11.02 5.38 -6.51
N ILE A 335 -10.45 6.37 -7.19
CA ILE A 335 -11.04 7.73 -7.22
C ILE A 335 -12.45 7.63 -7.79
N MET A 336 -12.71 6.77 -8.77
CA MET A 336 -14.02 6.77 -9.46
C MET A 336 -15.05 6.09 -8.57
N MET A 337 -14.64 5.04 -7.88
CA MET A 337 -15.58 4.23 -7.09
C MET A 337 -15.79 4.89 -5.73
N ASN A 338 -14.81 5.68 -5.24
CA ASN A 338 -14.80 6.17 -3.83
C ASN A 338 -14.57 7.67 -3.74
N GLY A 339 -14.27 8.35 -4.82
CA GLY A 339 -13.93 9.79 -4.77
C GLY A 339 -15.02 10.62 -4.07
N ASN A 340 -14.59 11.74 -3.48
CA ASN A 340 -15.49 12.75 -2.91
C ASN A 340 -15.81 13.70 -4.06
N LYS A 341 -17.09 14.03 -4.27
CA LYS A 341 -17.55 15.02 -5.28
C LYS A 341 -17.21 16.44 -4.80
N GLN A 342 -16.43 17.22 -5.53
CA GLN A 342 -16.05 18.61 -5.13
C GLN A 342 -16.08 19.52 -6.35
N SER A 343 -16.14 20.83 -6.11
CA SER A 343 -16.19 21.83 -7.21
C SER A 343 -14.96 22.76 -7.13
N ASP A 344 -13.85 22.34 -7.75
CA ASP A 344 -12.52 22.99 -7.72
C ASP A 344 -12.55 24.37 -8.41
N ARG A 345 -11.37 24.99 -8.48
CA ARG A 345 -11.11 26.42 -8.85
C ARG A 345 -11.89 26.84 -10.10
N THR A 346 -11.95 25.96 -11.10
CA THR A 346 -12.54 26.23 -12.44
C THR A 346 -14.08 26.24 -12.34
N GLY A 347 -14.67 25.31 -11.57
CA GLY A 347 -16.11 24.97 -11.58
C GLY A 347 -16.34 23.63 -12.25
N VAL A 348 -15.29 23.05 -12.84
CA VAL A 348 -15.36 21.81 -13.66
C VAL A 348 -16.11 20.75 -12.82
N GLY A 349 -15.70 20.56 -11.58
CA GLY A 349 -16.17 19.40 -10.78
C GLY A 349 -15.24 18.19 -10.93
N VAL A 350 -15.00 17.49 -9.83
CA VAL A 350 -14.03 16.37 -9.76
C VAL A 350 -14.61 15.33 -8.81
N LEU A 351 -14.08 14.11 -8.88
CA LEU A 351 -14.02 13.20 -7.71
C LEU A 351 -12.59 13.30 -7.24
N SER A 352 -12.37 13.38 -5.92
CA SER A 352 -11.05 13.63 -5.31
C SER A 352 -10.83 12.66 -4.18
N LYS A 353 -9.58 12.28 -3.95
CA LYS A 353 -9.06 11.54 -2.78
C LYS A 353 -7.75 12.18 -2.32
N PHE A 354 -7.22 11.74 -1.20
CA PHE A 354 -6.10 12.42 -0.53
C PHE A 354 -5.11 11.37 -0.09
N GLY A 355 -3.91 11.39 -0.67
CA GLY A 355 -2.75 10.54 -0.31
C GLY A 355 -2.65 9.28 -1.14
N TYR A 356 -1.71 9.17 -2.07
CA TYR A 356 -1.37 7.87 -2.69
C TYR A 356 0.15 7.80 -2.93
N ILE A 357 0.73 6.60 -2.95
CA ILE A 357 2.11 6.29 -3.42
C ILE A 357 2.03 5.36 -4.64
N MET A 358 2.74 5.71 -5.70
CA MET A 358 3.10 4.79 -6.81
C MET A 358 4.63 4.65 -6.83
N LYS A 359 5.14 3.42 -7.00
CA LYS A 359 6.58 3.12 -7.18
C LYS A 359 6.80 2.46 -8.54
N PHE A 360 7.68 3.04 -9.35
CA PHE A 360 8.12 2.47 -10.64
C PHE A 360 9.60 2.09 -10.54
N ASP A 361 9.95 0.90 -11.04
CA ASP A 361 11.31 0.35 -11.07
C ASP A 361 11.93 0.75 -12.40
N LEU A 362 12.67 1.86 -12.38
CA LEU A 362 13.35 2.46 -13.57
C LEU A 362 14.49 1.55 -14.06
N SER A 363 14.96 0.57 -13.28
CA SER A 363 16.00 -0.37 -13.77
C SER A 363 15.32 -1.47 -14.59
N GLN A 364 14.00 -1.57 -14.50
CA GLN A 364 13.27 -2.66 -15.19
C GLN A 364 12.45 -2.07 -16.35
N TYR A 365 12.21 -0.77 -16.40
CA TYR A 365 11.43 -0.12 -17.48
C TYR A 365 11.40 1.41 -17.32
N PHE A 366 10.89 2.04 -18.37
CA PHE A 366 10.41 3.43 -18.41
C PHE A 366 8.89 3.38 -18.34
N PRO A 367 8.25 3.94 -17.30
CA PRO A 367 6.80 3.84 -17.16
C PRO A 367 6.04 4.93 -17.93
N LEU A 368 6.22 4.96 -19.25
CA LEU A 368 5.29 5.63 -20.18
C LEU A 368 4.01 4.78 -20.30
N LEU A 369 2.84 5.32 -19.93
CA LEU A 369 1.58 4.53 -19.92
C LEU A 369 1.34 3.96 -21.30
N THR A 370 0.82 2.74 -21.37
CA THR A 370 0.59 2.03 -22.65
C THR A 370 -0.90 2.07 -23.05
N THR A 371 -1.82 2.33 -22.09
CA THR A 371 -3.28 2.21 -22.36
C THR A 371 -3.79 3.46 -23.09
N LYS A 372 -2.87 4.33 -23.54
CA LYS A 372 -3.16 5.46 -24.43
C LYS A 372 -1.83 5.95 -24.98
N LYS A 373 -1.82 6.55 -26.16
CA LYS A 373 -0.59 7.10 -26.79
C LYS A 373 -0.19 8.35 -26.02
N LEU A 374 1.08 8.44 -25.61
CA LEU A 374 1.69 9.64 -25.00
C LEU A 374 2.90 10.03 -25.84
N PHE A 375 3.02 11.33 -26.18
CA PHE A 375 4.20 11.97 -26.82
C PHE A 375 5.02 12.67 -25.73
N LEU A 376 6.35 12.52 -25.70
CA LEU A 376 7.23 13.10 -24.65
C LEU A 376 8.17 14.21 -25.17
N ARG A 377 8.08 14.63 -26.43
CA ARG A 377 8.99 15.73 -26.92
C ARG A 377 8.76 16.97 -26.03
N GLY A 378 7.49 17.35 -25.86
CA GLY A 378 7.04 18.56 -25.16
C GLY A 378 7.47 18.59 -23.71
N ILE A 379 7.34 17.48 -23.00
CA ILE A 379 7.73 17.39 -21.56
C ILE A 379 9.24 17.21 -21.44
N ILE A 380 9.90 16.60 -22.41
CA ILE A 380 11.40 16.56 -22.33
C ILE A 380 11.92 17.99 -22.51
N GLU A 381 11.42 18.76 -23.48
CA GLU A 381 11.82 20.19 -23.72
C GLU A 381 11.43 21.07 -22.50
N GLU A 382 10.32 20.78 -21.82
CA GLU A 382 9.99 21.41 -20.51
C GLU A 382 11.10 21.10 -19.50
N LEU A 383 11.58 19.88 -19.40
CA LEU A 383 12.54 19.51 -18.33
C LEU A 383 13.88 20.21 -18.62
N LEU A 384 14.22 20.38 -19.90
CA LEU A 384 15.49 21.05 -20.26
C LEU A 384 15.35 22.54 -19.93
N TRP A 385 14.16 23.10 -20.16
CA TRP A 385 13.82 24.51 -19.88
C TRP A 385 13.96 24.77 -18.38
N PHE A 386 13.42 23.91 -17.55
CA PHE A 386 13.58 23.93 -16.07
C PHE A 386 15.06 24.00 -15.68
N ILE A 387 15.85 23.12 -16.27
CA ILE A 387 17.23 22.84 -15.81
C ILE A 387 18.10 24.04 -16.16
N ARG A 388 17.81 24.68 -17.28
CA ARG A 388 18.51 25.92 -17.70
C ARG A 388 18.11 27.11 -16.79
N GLY A 389 17.14 26.92 -15.89
CA GLY A 389 16.64 27.96 -14.98
C GLY A 389 15.60 28.85 -15.62
N GLU A 390 15.05 28.50 -16.80
CA GLU A 390 14.32 29.47 -17.67
C GLU A 390 12.88 29.67 -17.16
N THR A 391 12.34 30.84 -17.41
CA THR A 391 10.94 31.17 -17.05
C THR A 391 10.26 31.84 -18.24
N ASN A 392 10.91 31.82 -19.40
CA ASN A 392 10.47 32.51 -20.63
C ASN A 392 9.59 31.56 -21.46
N GLY A 393 8.27 31.73 -21.39
CA GLY A 393 7.29 30.85 -22.06
C GLY A 393 7.44 30.86 -23.58
N ASN A 394 8.02 31.92 -24.14
CA ASN A 394 8.30 32.01 -25.60
C ASN A 394 9.26 30.91 -26.02
N THR A 395 10.17 30.49 -25.14
CA THR A 395 11.23 29.52 -25.53
C THR A 395 10.58 28.20 -25.90
N LEU A 396 9.58 27.80 -25.12
CA LEU A 396 8.76 26.60 -25.39
C LEU A 396 7.88 26.86 -26.62
N LEU A 397 7.13 27.95 -26.67
CA LEU A 397 6.29 28.27 -27.87
C LEU A 397 7.10 28.18 -29.18
N ASN A 398 8.37 28.60 -29.23
CA ASN A 398 9.18 28.61 -30.48
C ASN A 398 9.67 27.20 -30.83
N LYS A 399 9.66 26.24 -29.90
CA LYS A 399 9.86 24.78 -30.14
C LYS A 399 8.49 24.08 -30.26
N ASN A 400 7.43 24.84 -30.47
CA ASN A 400 6.06 24.33 -30.69
C ASN A 400 5.68 23.45 -29.50
N VAL A 401 6.04 23.88 -28.31
CA VAL A 401 5.55 23.28 -27.03
C VAL A 401 4.62 24.27 -26.36
N ARG A 402 3.35 23.88 -26.19
CA ARG A 402 2.21 24.74 -25.77
C ARG A 402 1.82 24.41 -24.32
N ILE A 403 2.66 23.67 -23.58
CA ILE A 403 2.34 23.30 -22.17
C ILE A 403 1.99 24.53 -21.33
N TRP A 404 2.71 25.66 -21.50
CA TRP A 404 2.57 26.83 -20.60
C TRP A 404 1.86 28.02 -21.28
N GLU A 405 1.35 27.84 -22.50
CA GLU A 405 0.78 28.94 -23.29
C GLU A 405 -0.38 29.62 -22.55
N ALA A 406 -1.35 28.87 -22.01
CA ALA A 406 -2.57 29.44 -21.39
C ALA A 406 -2.17 30.22 -20.13
N ASN A 407 -1.06 29.86 -19.48
CA ASN A 407 -0.68 30.39 -18.15
C ASN A 407 0.11 31.67 -18.38
N GLY A 408 0.33 32.06 -19.63
CA GLY A 408 1.10 33.29 -19.91
C GLY A 408 0.33 34.32 -20.72
N THR A 409 -0.99 34.21 -20.83
CA THR A 409 -1.81 35.20 -21.59
C THR A 409 -1.88 36.51 -20.79
N ARG A 410 -2.18 37.61 -21.45
CA ARG A 410 -2.49 38.91 -20.81
C ARG A 410 -3.59 38.68 -19.77
N GLU A 411 -4.65 37.97 -20.19
CA GLU A 411 -5.84 37.69 -19.37
C GLU A 411 -5.39 36.89 -18.17
N PHE A 412 -4.74 35.76 -18.41
CA PHE A 412 -4.47 34.81 -17.29
C PHE A 412 -3.64 35.57 -16.25
N LEU A 413 -2.55 36.23 -16.68
CA LEU A 413 -1.63 37.02 -15.83
C LEU A 413 -2.40 38.11 -15.07
N ASP A 414 -3.16 38.96 -15.77
CA ASP A 414 -3.98 40.04 -15.14
C ASP A 414 -4.89 39.41 -14.07
N ASN A 415 -5.57 38.31 -14.38
CA ASN A 415 -6.52 37.65 -13.44
C ASN A 415 -5.75 37.10 -12.22
N ARG A 416 -4.41 36.95 -12.31
CA ARG A 416 -3.52 36.49 -11.23
C ARG A 416 -2.99 37.72 -10.52
N LYS A 417 -3.48 38.89 -10.91
CA LYS A 417 -3.08 40.22 -10.39
C LYS A 417 -1.65 40.51 -10.82
N LEU A 418 -1.11 39.79 -11.81
CA LEU A 418 0.23 40.11 -12.37
C LEU A 418 0.12 41.12 -13.52
N PHE A 419 -0.37 42.33 -13.23
CA PHE A 419 -0.66 43.40 -14.22
C PHE A 419 0.64 43.95 -14.82
N HIS A 420 1.76 43.85 -14.09
CA HIS A 420 3.08 44.37 -14.54
C HIS A 420 3.96 43.24 -15.07
N ARG A 421 3.37 42.09 -15.38
CA ARG A 421 4.10 40.95 -15.94
C ARG A 421 3.82 40.91 -17.46
N GLU A 422 4.88 40.84 -18.26
CA GLU A 422 4.83 40.68 -19.74
C GLU A 422 4.29 39.29 -20.06
N VAL A 423 3.48 39.22 -21.11
CA VAL A 423 2.93 37.98 -21.75
C VAL A 423 4.05 36.93 -21.82
N ASN A 424 3.77 35.75 -21.30
CA ASN A 424 4.65 34.57 -21.33
C ASN A 424 5.84 34.74 -20.39
N ASP A 425 5.89 35.82 -19.60
CA ASP A 425 6.88 35.92 -18.49
C ASP A 425 6.23 35.22 -17.32
N LEU A 426 6.57 33.96 -17.05
CA LEU A 426 5.77 33.15 -16.08
C LEU A 426 6.25 33.45 -14.65
N GLY A 427 7.23 34.32 -14.47
CA GLY A 427 7.66 34.67 -13.10
C GLY A 427 8.49 33.53 -12.51
N PRO A 428 8.71 33.51 -11.17
CA PRO A 428 9.71 32.66 -10.55
C PRO A 428 9.18 31.24 -10.30
N ILE A 429 9.00 30.53 -11.43
CA ILE A 429 8.47 29.13 -11.48
C ILE A 429 9.69 28.19 -11.40
N TYR A 430 9.46 26.91 -11.70
CA TYR A 430 10.33 25.77 -11.33
C TYR A 430 11.77 26.08 -11.64
N GLY A 431 12.05 26.40 -12.92
CA GLY A 431 13.42 26.68 -13.38
C GLY A 431 14.08 27.70 -12.48
N PHE A 432 13.37 28.78 -12.11
CA PHE A 432 13.94 29.88 -11.31
C PHE A 432 14.31 29.31 -9.95
N GLN A 433 13.39 28.58 -9.33
CA GLN A 433 13.56 28.06 -7.95
C GLN A 433 14.69 27.03 -7.90
N TRP A 434 14.90 26.30 -8.98
CA TRP A 434 15.86 25.16 -9.04
C TRP A 434 17.30 25.71 -9.09
N ARG A 435 17.49 26.83 -9.78
CA ARG A 435 18.82 27.42 -10.08
C ARG A 435 19.11 28.61 -9.16
N HIS A 436 18.08 29.25 -8.58
CA HIS A 436 18.19 30.59 -7.92
C HIS A 436 17.21 30.80 -6.76
N PHE A 437 16.79 29.77 -6.06
CA PHE A 437 15.83 29.92 -4.94
C PHE A 437 16.34 31.02 -4.00
N GLY A 438 15.50 32.04 -3.83
CA GLY A 438 15.63 33.12 -2.84
C GLY A 438 16.08 34.43 -3.46
N ALA A 439 16.52 34.43 -4.70
CA ALA A 439 16.84 35.67 -5.44
C ALA A 439 15.53 36.42 -5.71
N GLU A 440 15.57 37.75 -5.68
CA GLU A 440 14.44 38.61 -6.05
C GLU A 440 14.23 38.45 -7.55
N TYR A 441 13.08 37.93 -7.98
CA TYR A 441 12.76 37.77 -9.42
C TYR A 441 12.50 39.16 -9.96
N THR A 442 13.07 39.47 -11.14
CA THR A 442 12.94 40.76 -11.85
C THR A 442 12.03 40.49 -13.05
N ASN A 443 12.57 39.87 -14.10
CA ASN A 443 11.85 39.53 -15.37
C ASN A 443 12.55 38.33 -16.01
N MET A 444 11.85 37.67 -16.94
CA MET A 444 12.30 36.39 -17.54
C MET A 444 13.61 36.55 -18.32
N TYR A 445 14.11 37.76 -18.52
CA TYR A 445 15.30 38.00 -19.38
C TYR A 445 16.54 38.32 -18.55
N ASP A 446 16.43 38.45 -17.24
CA ASP A 446 17.53 38.91 -16.36
C ASP A 446 18.59 37.82 -16.27
N ASN A 447 19.84 38.24 -16.10
CA ASN A 447 20.97 37.35 -15.73
C ASN A 447 20.92 37.18 -14.20
N TYR A 448 20.54 36.00 -13.72
CA TYR A 448 20.43 35.72 -12.27
C TYR A 448 21.63 34.88 -11.79
N GLU A 449 22.81 35.04 -12.41
CA GLU A 449 23.98 34.15 -12.15
C GLU A 449 24.53 34.48 -10.76
N ASN A 450 24.71 33.44 -9.92
CA ASN A 450 25.26 33.49 -8.54
C ASN A 450 24.31 34.29 -7.63
N LYS A 451 23.02 34.26 -7.96
CA LYS A 451 21.91 34.83 -7.17
C LYS A 451 21.03 33.67 -6.67
N GLY A 452 20.76 33.64 -5.36
CA GLY A 452 19.94 32.60 -4.72
C GLY A 452 20.65 31.25 -4.70
N VAL A 453 19.98 30.21 -4.17
CA VAL A 453 20.61 28.88 -3.99
C VAL A 453 20.39 28.12 -5.27
N ASP A 454 21.45 27.58 -5.86
CA ASP A 454 21.45 26.62 -7.00
C ASP A 454 21.22 25.23 -6.39
N GLN A 455 19.98 24.97 -6.00
CA GLN A 455 19.51 23.71 -5.39
C GLN A 455 19.98 22.55 -6.25
N LEU A 456 19.76 22.65 -7.56
CA LEU A 456 20.04 21.53 -8.50
C LEU A 456 21.51 21.12 -8.35
N LYS A 457 22.41 22.11 -8.35
CA LYS A 457 23.89 21.93 -8.29
C LYS A 457 24.21 21.27 -6.94
N ASN A 458 23.62 21.84 -5.88
CA ASN A 458 23.76 21.33 -4.50
C ASN A 458 23.32 19.84 -4.43
N ILE A 459 22.22 19.43 -5.08
CA ILE A 459 21.68 18.03 -4.85
C ILE A 459 22.54 17.03 -5.63
N ILE A 460 23.10 17.42 -6.75
CA ILE A 460 24.06 16.58 -7.52
C ILE A 460 25.32 16.40 -6.66
N ASN A 461 25.66 17.39 -5.86
CA ASN A 461 26.87 17.43 -5.00
C ASN A 461 26.65 16.54 -3.79
N LEU A 462 25.43 16.49 -3.27
CA LEU A 462 25.17 15.67 -2.08
C LEU A 462 25.11 14.20 -2.53
N ILE A 463 24.63 13.93 -3.73
CA ILE A 463 24.54 12.54 -4.24
C ILE A 463 25.97 12.01 -4.45
N LYS A 464 26.81 12.77 -5.15
CA LYS A 464 28.24 12.46 -5.39
C LYS A 464 28.99 12.31 -4.06
N ASN A 465 28.88 13.25 -3.13
CA ASN A 465 29.89 13.33 -2.03
C ASN A 465 29.30 12.96 -0.67
N ASP A 466 27.97 12.95 -0.51
CA ASP A 466 27.33 12.60 0.79
C ASP A 466 26.09 11.78 0.51
N PRO A 467 26.22 10.70 -0.31
CA PRO A 467 25.09 9.91 -0.77
C PRO A 467 24.06 9.47 0.29
N THR A 468 24.47 9.38 1.56
CA THR A 468 23.66 8.82 2.68
C THR A 468 22.90 9.94 3.37
N SER A 469 23.10 11.18 2.94
CA SER A 469 22.31 12.36 3.39
C SER A 469 20.79 12.14 3.22
N ARG A 470 20.05 12.56 4.23
CA ARG A 470 18.57 12.56 4.25
C ARG A 470 18.09 14.00 4.03
N ARG A 471 18.89 14.81 3.34
CA ARG A 471 18.69 16.25 3.11
C ARG A 471 18.86 16.60 1.63
N ILE A 472 18.83 15.59 0.75
CA ILE A 472 18.96 15.78 -0.72
C ILE A 472 17.55 16.02 -1.24
N LEU A 473 17.05 17.26 -1.17
CA LEU A 473 15.72 17.66 -1.70
C LEU A 473 15.86 18.86 -2.63
N LEU A 474 15.08 18.86 -3.71
CA LEU A 474 14.90 19.98 -4.65
C LEU A 474 13.46 20.46 -4.40
N CYS A 475 13.25 21.73 -4.02
CA CYS A 475 11.91 22.27 -3.63
C CYS A 475 11.55 23.43 -4.56
N ALA A 476 10.46 23.28 -5.33
CA ALA A 476 9.83 24.31 -6.22
C ALA A 476 8.94 25.26 -5.43
N TRP A 477 8.42 24.81 -4.29
CA TRP A 477 7.45 25.55 -3.44
C TRP A 477 8.16 26.64 -2.60
N ASN A 478 8.52 27.74 -3.24
CA ASN A 478 9.04 28.95 -2.56
C ASN A 478 7.86 29.84 -2.15
N VAL A 479 7.50 29.81 -0.85
CA VAL A 479 6.28 30.44 -0.25
C VAL A 479 6.28 31.95 -0.54
N LYS A 480 7.45 32.56 -0.59
CA LYS A 480 7.54 34.02 -0.78
C LYS A 480 7.13 34.33 -2.21
N ASP A 481 7.43 33.45 -3.16
CA ASP A 481 7.32 33.77 -4.60
C ASP A 481 5.97 33.28 -5.17
N LEU A 482 5.21 32.47 -4.43
CA LEU A 482 3.98 31.82 -4.96
C LEU A 482 3.14 32.83 -5.75
N ASP A 483 2.75 33.93 -5.11
CA ASP A 483 1.81 34.92 -5.68
C ASP A 483 2.41 35.58 -6.94
N GLN A 484 3.73 35.53 -7.14
CA GLN A 484 4.40 36.17 -8.31
C GLN A 484 4.55 35.15 -9.46
N MET A 485 4.29 33.86 -9.23
CA MET A 485 4.35 32.80 -10.27
C MET A 485 3.05 32.81 -11.06
N ALA A 486 3.07 32.44 -12.34
CA ALA A 486 1.83 32.28 -13.14
C ALA A 486 0.89 31.32 -12.39
N LEU A 487 1.39 30.20 -11.88
CA LEU A 487 0.63 29.48 -10.83
C LEU A 487 1.57 28.70 -9.95
N PRO A 488 1.16 28.45 -8.70
CA PRO A 488 2.02 27.75 -7.76
C PRO A 488 2.29 26.36 -8.30
N PRO A 489 3.52 25.84 -8.09
CA PRO A 489 3.92 24.56 -8.70
C PRO A 489 3.09 23.38 -8.16
N CYS A 490 2.86 22.37 -8.99
CA CYS A 490 2.16 21.12 -8.56
C CYS A 490 3.20 20.11 -8.08
N HIS A 491 4.39 20.08 -8.67
CA HIS A 491 5.49 19.20 -8.21
C HIS A 491 6.27 19.95 -7.14
N ILE A 492 5.84 19.76 -5.89
CA ILE A 492 6.31 20.49 -4.68
C ILE A 492 7.81 20.23 -4.52
N LEU A 493 8.24 18.96 -4.52
CA LEU A 493 9.63 18.60 -4.12
C LEU A 493 10.00 17.20 -4.57
N CYS A 494 11.31 17.01 -4.77
CA CYS A 494 12.01 15.74 -5.04
C CYS A 494 12.96 15.51 -3.88
N GLN A 495 12.91 14.32 -3.28
CA GLN A 495 13.99 13.83 -2.39
C GLN A 495 14.72 12.70 -3.13
N PHE A 496 15.97 12.49 -2.80
CA PHE A 496 16.83 11.44 -3.37
C PHE A 496 17.42 10.60 -2.24
N TYR A 497 17.64 9.33 -2.59
CA TYR A 497 18.08 8.20 -1.74
C TYR A 497 19.07 7.42 -2.60
N VAL A 498 20.23 7.11 -2.01
CA VAL A 498 21.32 6.37 -2.72
C VAL A 498 21.65 5.16 -1.86
N PHE A 499 21.61 3.97 -2.44
CA PHE A 499 22.11 2.76 -1.79
C PHE A 499 22.85 1.94 -2.84
N ASP A 500 24.07 1.48 -2.54
CA ASP A 500 24.80 0.53 -3.42
C ASP A 500 24.74 1.00 -4.88
N GLY A 501 25.18 2.23 -5.17
CA GLY A 501 25.38 2.76 -6.54
C GLY A 501 24.07 3.07 -7.29
N LYS A 502 22.95 3.08 -6.57
CA LYS A 502 21.59 3.21 -7.19
C LYS A 502 20.84 4.42 -6.61
N LEU A 503 20.25 5.22 -7.49
CA LEU A 503 19.54 6.47 -7.12
C LEU A 503 18.02 6.22 -7.20
N SER A 504 17.29 6.45 -6.10
CA SER A 504 15.80 6.46 -6.09
C SER A 504 15.33 7.88 -5.80
N CYS A 505 14.13 8.23 -6.27
CA CYS A 505 13.60 9.61 -6.18
C CYS A 505 12.13 9.58 -5.79
N ILE A 506 11.76 10.37 -4.78
CA ILE A 506 10.34 10.63 -4.42
C ILE A 506 10.00 12.00 -4.99
N MET A 507 8.93 12.13 -5.76
CA MET A 507 8.36 13.47 -6.03
C MET A 507 6.97 13.56 -5.37
N TYR A 508 6.73 14.60 -4.57
CA TYR A 508 5.43 14.88 -3.93
C TYR A 508 4.67 15.92 -4.78
N GLN A 509 3.48 15.55 -5.23
CA GLN A 509 2.59 16.40 -6.06
C GLN A 509 1.36 16.77 -5.20
N ARG A 510 1.18 18.05 -4.89
CA ARG A 510 0.06 18.56 -4.06
C ARG A 510 -1.25 18.38 -4.80
N SER A 511 -1.22 18.45 -6.14
CA SER A 511 -2.42 18.53 -7.01
C SER A 511 -2.22 17.68 -8.25
N CYS A 512 -3.11 16.70 -8.49
CA CYS A 512 -2.88 15.55 -9.41
C CYS A 512 -4.10 15.31 -10.28
N ASP A 513 -4.04 15.81 -11.53
CA ASP A 513 -5.01 15.53 -12.60
C ASP A 513 -4.68 14.13 -13.15
N LEU A 514 -5.45 13.14 -12.69
CA LEU A 514 -5.19 11.70 -12.96
C LEU A 514 -5.35 11.41 -14.46
N GLY A 515 -6.36 11.95 -15.12
CA GLY A 515 -6.60 11.71 -16.56
C GLY A 515 -5.60 12.42 -17.47
N LEU A 516 -5.21 13.66 -17.17
CA LEU A 516 -4.43 14.48 -18.13
C LEU A 516 -2.98 14.63 -17.69
N GLY A 517 -2.79 15.07 -16.45
CA GLY A 517 -1.49 15.55 -15.93
C GLY A 517 -0.58 14.41 -15.53
N VAL A 518 -1.02 13.57 -14.61
CA VAL A 518 -0.19 12.53 -13.93
C VAL A 518 0.64 11.73 -14.94
N PRO A 519 0.10 11.24 -16.07
CA PRO A 519 0.83 10.33 -16.95
C PRO A 519 2.10 10.98 -17.48
N PHE A 520 2.00 12.26 -17.84
CA PHE A 520 3.18 13.07 -18.25
C PHE A 520 4.11 13.25 -17.03
N ASN A 521 3.54 13.58 -15.86
CA ASN A 521 4.31 13.83 -14.62
C ASN A 521 5.21 12.61 -14.30
N ILE A 522 4.64 11.39 -14.29
CA ILE A 522 5.35 10.08 -14.13
C ILE A 522 6.54 10.06 -15.09
N ALA A 523 6.33 10.55 -16.31
CA ALA A 523 7.34 10.54 -17.39
C ALA A 523 8.43 11.58 -17.08
N SER A 524 8.05 12.83 -16.81
CA SER A 524 9.01 13.94 -16.52
C SER A 524 9.96 13.47 -15.43
N TYR A 525 9.42 13.01 -14.31
CA TYR A 525 10.25 12.74 -13.12
C TYR A 525 11.05 11.45 -13.34
N SER A 526 10.48 10.48 -14.06
CA SER A 526 11.24 9.27 -14.43
C SER A 526 12.43 9.67 -15.30
N ILE A 527 12.22 10.49 -16.32
CA ILE A 527 13.34 10.98 -17.16
C ILE A 527 14.35 11.73 -16.30
N PHE A 528 13.86 12.57 -15.38
CA PHE A 528 14.72 13.46 -14.56
C PHE A 528 15.59 12.54 -13.72
N THR A 529 14.99 11.52 -13.10
CA THR A 529 15.73 10.60 -12.21
C THR A 529 16.89 9.91 -12.98
N HIS A 530 16.64 9.46 -14.21
CA HIS A 530 17.64 8.87 -15.12
C HIS A 530 18.75 9.90 -15.35
N MET A 531 18.40 11.17 -15.58
CA MET A 531 19.40 12.23 -15.85
C MET A 531 20.31 12.44 -14.64
N ILE A 532 19.75 12.47 -13.42
CA ILE A 532 20.51 12.78 -12.18
C ILE A 532 21.37 11.56 -11.90
N ALA A 533 20.84 10.38 -12.20
CA ALA A 533 21.54 9.10 -11.97
C ALA A 533 22.77 9.09 -12.88
N GLN A 534 22.57 9.37 -14.16
CA GLN A 534 23.69 9.40 -15.12
C GLN A 534 24.78 10.38 -14.68
N VAL A 535 24.45 11.64 -14.38
CA VAL A 535 25.45 12.73 -14.15
C VAL A 535 26.18 12.45 -12.84
N CYS A 536 25.65 11.54 -12.02
CA CYS A 536 26.24 11.21 -10.70
C CYS A 536 27.01 9.89 -10.75
N ASN A 537 27.11 9.24 -11.91
CA ASN A 537 27.69 7.87 -12.12
C ASN A 537 26.97 6.88 -11.18
N LEU A 538 25.64 6.85 -11.26
CA LEU A 538 24.75 5.94 -10.51
C LEU A 538 23.80 5.23 -11.49
N GLN A 539 23.22 4.09 -11.13
CA GLN A 539 22.12 3.48 -11.93
C GLN A 539 20.80 3.95 -11.34
N PRO A 540 19.76 4.13 -12.16
CA PRO A 540 18.44 4.45 -11.64
C PRO A 540 17.77 3.25 -10.99
N ALA A 541 17.02 3.49 -9.92
CA ALA A 541 16.26 2.46 -9.20
C ALA A 541 14.78 2.84 -9.23
N GLN A 542 14.26 3.39 -8.14
CA GLN A 542 12.79 3.57 -8.02
C GLN A 542 12.48 5.05 -8.21
N PHE A 543 11.51 5.36 -9.05
CA PHE A 543 10.84 6.67 -9.09
C PHE A 543 9.56 6.52 -8.29
N ILE A 544 9.44 7.27 -7.21
CA ILE A 544 8.34 7.11 -6.23
C ILE A 544 7.51 8.38 -6.29
N HIS A 545 6.21 8.23 -6.58
CA HIS A 545 5.27 9.35 -6.87
C HIS A 545 4.27 9.40 -5.73
N VAL A 546 4.32 10.44 -4.90
CA VAL A 546 3.33 10.67 -3.82
C VAL A 546 2.31 11.69 -4.34
N LEU A 547 1.04 11.30 -4.32
CA LEU A 547 -0.09 12.14 -4.82
C LEU A 547 -0.82 12.66 -3.59
N GLY A 548 -0.90 13.96 -3.43
CA GLY A 548 -1.73 14.55 -2.37
C GLY A 548 -3.16 14.59 -2.81
N ASN A 549 -3.58 15.71 -3.41
CA ASN A 549 -4.98 15.90 -3.85
C ASN A 549 -5.12 15.21 -5.22
N ALA A 550 -5.68 13.98 -5.21
CA ALA A 550 -5.80 13.11 -6.40
C ALA A 550 -7.22 13.23 -6.93
N HIS A 551 -7.38 13.83 -8.12
CA HIS A 551 -8.72 14.18 -8.66
C HIS A 551 -8.88 13.66 -10.09
N VAL A 552 -10.08 13.17 -10.40
CA VAL A 552 -10.52 12.92 -11.80
C VAL A 552 -11.56 13.98 -12.14
N TYR A 553 -11.27 14.85 -13.10
CA TYR A 553 -12.27 15.80 -13.68
C TYR A 553 -13.45 14.98 -14.24
N ASN A 554 -14.66 15.44 -13.95
CA ASN A 554 -15.93 14.74 -14.34
C ASN A 554 -15.91 14.38 -15.80
N ASN A 555 -15.44 15.29 -16.65
CA ASN A 555 -15.61 15.17 -18.11
C ASN A 555 -14.48 14.30 -18.70
N HIS A 556 -13.56 13.81 -17.86
CA HIS A 556 -12.56 12.77 -18.20
C HIS A 556 -13.15 11.37 -18.00
N ILE A 557 -14.13 11.23 -17.11
CA ILE A 557 -14.62 9.91 -16.63
C ILE A 557 -14.85 8.96 -17.82
N ASP A 558 -15.63 9.34 -18.82
CA ASP A 558 -16.02 8.44 -19.95
C ASP A 558 -14.75 7.93 -20.66
N SER A 559 -13.80 8.80 -20.90
CA SER A 559 -12.52 8.44 -21.54
C SER A 559 -11.78 7.44 -20.63
N LEU A 560 -11.79 7.71 -19.33
CA LEU A 560 -11.04 6.87 -18.37
C LEU A 560 -11.67 5.47 -18.28
N LYS A 561 -12.99 5.36 -18.48
CA LYS A 561 -13.69 4.05 -18.52
C LYS A 561 -13.19 3.21 -19.71
N ILE A 562 -13.01 3.86 -20.86
CA ILE A 562 -12.41 3.22 -22.06
C ILE A 562 -11.01 2.73 -21.68
N GLN A 563 -10.18 3.62 -21.14
CA GLN A 563 -8.74 3.38 -20.93
C GLN A 563 -8.56 2.21 -19.96
N LEU A 564 -9.42 2.12 -18.93
CA LEU A 564 -9.33 1.12 -17.84
C LEU A 564 -9.61 -0.27 -18.38
N ASN A 565 -10.46 -0.40 -19.40
CA ASN A 565 -10.81 -1.70 -20.01
C ASN A 565 -9.72 -2.12 -21.00
N ARG A 566 -8.66 -1.34 -21.13
CA ARG A 566 -7.50 -1.76 -21.92
C ARG A 566 -6.48 -2.42 -20.97
N ILE A 567 -5.72 -3.34 -21.58
CA ILE A 567 -4.72 -4.21 -20.89
C ILE A 567 -3.37 -3.67 -21.30
N PRO A 568 -2.54 -3.30 -20.32
CA PRO A 568 -1.25 -2.72 -20.62
C PRO A 568 -0.41 -3.69 -21.47
N TYR A 569 0.46 -3.10 -22.28
CA TYR A 569 1.54 -3.70 -23.09
C TYR A 569 2.83 -3.57 -22.32
N PRO A 570 3.83 -4.43 -22.55
CA PRO A 570 5.09 -4.30 -21.83
C PRO A 570 5.55 -2.86 -22.05
N PHE A 571 5.91 -2.19 -20.96
CA PHE A 571 6.55 -0.84 -20.98
C PHE A 571 7.67 -0.77 -22.02
N PRO A 572 7.98 0.44 -22.51
CA PRO A 572 9.18 0.67 -23.31
C PRO A 572 10.38 0.93 -22.40
N THR A 573 11.51 1.33 -22.98
CA THR A 573 12.77 1.66 -22.26
C THR A 573 13.16 3.08 -22.65
N LEU A 574 14.01 3.73 -21.84
CA LEU A 574 14.54 5.06 -22.17
C LEU A 574 16.05 4.95 -22.26
N LYS A 575 16.62 5.41 -23.37
CA LYS A 575 18.10 5.55 -23.52
C LYS A 575 18.46 7.02 -23.62
N LEU A 576 19.29 7.44 -22.67
CA LEU A 576 20.02 8.72 -22.62
C LEU A 576 21.36 8.50 -23.32
N ASN A 577 21.73 9.37 -24.26
CA ASN A 577 23.09 9.37 -24.85
C ASN A 577 24.07 9.35 -23.67
N PRO A 578 24.91 8.30 -23.51
CA PRO A 578 25.80 8.18 -22.34
C PRO A 578 26.97 9.15 -22.15
N ASP A 579 27.28 10.00 -23.14
CA ASP A 579 28.46 10.92 -23.09
C ASP A 579 28.15 12.12 -22.19
N ILE A 580 26.87 12.48 -22.06
CA ILE A 580 26.44 13.64 -21.22
C ILE A 580 26.83 13.33 -19.78
N LYS A 581 27.58 14.22 -19.11
CA LYS A 581 28.09 13.99 -17.71
C LYS A 581 27.78 15.16 -16.76
N ASN A 582 27.42 16.35 -17.26
CA ASN A 582 26.86 17.46 -16.46
C ASN A 582 25.36 17.59 -16.75
N ILE A 583 24.55 17.82 -15.70
CA ILE A 583 23.06 17.94 -15.80
C ILE A 583 22.68 19.01 -16.84
N GLU A 584 23.56 19.97 -17.12
CA GLU A 584 23.24 21.15 -17.95
C GLU A 584 23.42 20.79 -19.44
N ASP A 585 24.00 19.64 -19.75
CA ASP A 585 24.61 19.40 -21.08
C ASP A 585 23.70 18.51 -21.95
N PHE A 586 22.46 18.22 -21.53
CA PHE A 586 21.50 17.37 -22.29
C PHE A 586 20.78 18.24 -23.31
N THR A 587 20.47 17.71 -24.49
CA THR A 587 19.59 18.30 -25.52
C THR A 587 18.56 17.25 -25.95
N ILE A 588 17.54 17.66 -26.73
CA ILE A 588 16.35 16.82 -27.06
C ILE A 588 16.82 15.50 -27.70
N SER A 589 17.77 15.56 -28.64
CA SER A 589 18.36 14.39 -29.36
C SER A 589 19.09 13.40 -28.42
N ASP A 590 19.29 13.73 -27.14
CA ASP A 590 19.99 12.84 -26.18
C ASP A 590 19.03 11.82 -25.54
N PHE A 591 17.77 11.76 -26.00
CA PHE A 591 16.66 11.00 -25.38
C PHE A 591 15.95 10.12 -26.41
N THR A 592 15.90 8.83 -26.14
CA THR A 592 15.30 7.86 -27.08
C THR A 592 14.34 6.95 -26.31
N ILE A 593 13.08 6.89 -26.74
CA ILE A 593 12.09 5.92 -26.22
C ILE A 593 11.98 4.80 -27.24
N GLN A 594 12.65 3.65 -26.96
CA GLN A 594 12.60 2.41 -27.76
C GLN A 594 11.38 1.58 -27.33
N ASN A 595 10.67 1.01 -28.32
CA ASN A 595 9.75 -0.15 -28.11
C ASN A 595 8.49 0.34 -27.39
N TYR A 596 8.06 1.56 -27.71
CA TYR A 596 6.79 2.08 -27.18
C TYR A 596 5.69 1.39 -27.98
N VAL A 597 5.10 0.38 -27.37
CA VAL A 597 3.86 -0.29 -27.84
C VAL A 597 2.73 0.31 -26.99
N HIS A 598 1.66 0.82 -27.64
CA HIS A 598 0.56 1.54 -26.93
C HIS A 598 -0.81 1.36 -27.61
N HIS A 599 -1.88 1.51 -26.85
CA HIS A 599 -3.24 1.63 -27.43
C HIS A 599 -3.27 3.01 -28.13
N GLU A 600 -4.31 3.27 -28.94
CA GLU A 600 -4.42 4.55 -29.71
C GLU A 600 -4.68 5.70 -28.72
N LYS A 601 -4.55 6.94 -29.21
CA LYS A 601 -4.71 8.15 -28.37
C LYS A 601 -6.17 8.20 -27.93
N ILE A 602 -6.40 8.68 -26.71
CA ILE A 602 -7.72 9.03 -26.13
C ILE A 602 -7.72 10.54 -25.87
N SER A 603 -8.65 11.24 -26.49
CA SER A 603 -8.96 12.64 -26.15
C SER A 603 -9.74 12.61 -24.84
N MET A 604 -9.19 13.18 -23.76
CA MET A 604 -9.73 12.92 -22.41
C MET A 604 -11.13 13.54 -22.23
N ASP A 605 -11.47 14.66 -22.89
CA ASP A 605 -12.86 15.22 -22.90
C ASP A 605 -13.81 14.27 -23.66
N GLN B 4 -9.85 -32.59 21.04
CA GLN B 4 -10.37 -32.40 22.44
C GLN B 4 -11.74 -31.71 22.37
N VAL B 5 -12.61 -31.94 23.37
CA VAL B 5 -14.04 -31.49 23.40
C VAL B 5 -14.20 -30.17 22.63
N CYS B 6 -13.51 -29.10 23.08
CA CYS B 6 -13.71 -27.68 22.65
C CYS B 6 -13.36 -27.49 21.16
N ASP B 7 -12.20 -28.01 20.73
CA ASP B 7 -11.77 -28.01 19.29
C ASP B 7 -12.76 -28.85 18.47
N VAL B 8 -13.26 -29.95 19.07
CA VAL B 8 -14.20 -30.93 18.45
C VAL B 8 -15.58 -30.26 18.25
N PHE B 9 -16.08 -29.54 19.25
CA PHE B 9 -17.51 -29.14 19.32
C PHE B 9 -17.70 -27.66 18.94
N ASP B 10 -16.63 -26.96 18.53
CA ASP B 10 -16.64 -25.50 18.19
C ASP B 10 -17.41 -24.73 19.30
N ILE B 11 -16.89 -24.80 20.54
CA ILE B 11 -17.43 -24.06 21.72
C ILE B 11 -16.60 -22.78 21.90
N TYR B 12 -17.24 -21.64 21.58
CA TYR B 12 -16.66 -20.27 21.59
C TYR B 12 -17.37 -19.42 22.65
N ALA B 13 -16.60 -18.59 23.35
CA ALA B 13 -17.11 -17.52 24.24
C ALA B 13 -17.05 -16.21 23.45
N ILE B 14 -18.12 -15.42 23.54
CA ILE B 14 -18.13 -13.98 23.11
C ILE B 14 -18.46 -13.14 24.35
N CYS B 15 -17.66 -12.10 24.60
CA CYS B 15 -17.80 -11.15 25.72
C CYS B 15 -17.36 -9.76 25.28
N ALA B 16 -17.60 -8.78 26.14
CA ALA B 16 -17.17 -7.37 26.00
C ALA B 16 -16.77 -6.90 27.39
N CYS B 17 -15.52 -6.52 27.58
CA CYS B 17 -14.99 -6.18 28.92
C CYS B 17 -14.45 -4.76 28.93
N CYS B 18 -15.05 -3.89 29.74
CA CYS B 18 -14.54 -2.52 30.03
C CYS B 18 -13.48 -2.56 31.14
N LYS B 19 -12.84 -1.42 31.40
CA LYS B 19 -11.86 -1.19 32.50
C LYS B 19 -12.65 -0.86 33.76
N VAL B 20 -12.09 -1.15 34.94
CA VAL B 20 -12.80 -1.01 36.25
C VAL B 20 -12.25 0.17 37.05
N GLU B 21 -13.01 0.60 38.06
CA GLU B 21 -12.67 1.72 38.99
C GLU B 21 -11.98 1.12 40.22
N GLU B 30 0.47 3.88 37.19
CA GLU B 30 -0.31 2.61 37.18
C GLU B 30 0.02 1.82 35.90
N VAL B 31 -0.07 0.48 35.98
CA VAL B 31 0.49 -0.51 35.01
C VAL B 31 -0.67 -1.30 34.36
N PHE B 32 -0.52 -1.69 33.08
CA PHE B 32 -1.59 -2.30 32.23
C PHE B 32 -1.16 -3.67 31.68
N ASN B 33 -2.16 -4.53 31.49
CA ASN B 33 -2.02 -5.90 30.93
C ASN B 33 -3.38 -6.25 30.32
N ASN B 34 -3.59 -7.49 29.85
CA ASN B 34 -4.89 -7.88 29.22
C ASN B 34 -6.01 -7.77 30.28
N TYR B 35 -5.73 -8.16 31.54
CA TYR B 35 -6.71 -8.20 32.68
C TYR B 35 -7.14 -6.78 33.10
N THR B 36 -6.62 -5.74 32.45
CA THR B 36 -7.21 -4.38 32.48
C THR B 36 -8.69 -4.49 32.08
N PHE B 37 -8.96 -5.09 30.92
CA PHE B 37 -10.32 -5.23 30.33
C PHE B 37 -11.00 -6.44 30.97
N ARG B 38 -11.75 -6.24 32.06
CA ARG B 38 -12.49 -7.32 32.76
C ARG B 38 -13.98 -6.97 32.92
N GLY B 39 -14.33 -5.74 33.29
CA GLY B 39 -15.72 -5.35 33.60
C GLY B 39 -16.73 -5.94 32.62
N LEU B 40 -17.70 -6.71 33.12
CA LEU B 40 -18.77 -7.38 32.31
C LEU B 40 -20.14 -6.78 32.61
N GLY B 41 -20.47 -6.58 33.88
CA GLY B 41 -21.85 -6.25 34.28
C GLY B 41 -21.92 -5.43 35.56
N ASN B 42 -23.10 -4.83 35.79
CA ASN B 42 -23.36 -3.99 36.99
C ASN B 42 -24.87 -3.93 37.26
N LYS B 43 -25.26 -4.28 38.50
CA LYS B 43 -26.67 -4.23 38.99
C LYS B 43 -27.57 -5.00 38.02
N GLY B 44 -27.15 -6.21 37.62
CA GLY B 44 -27.92 -7.15 36.77
C GLY B 44 -27.95 -6.77 35.29
N VAL B 45 -27.48 -5.56 34.93
CA VAL B 45 -27.37 -5.07 33.52
C VAL B 45 -25.88 -4.95 33.14
N LEU B 46 -25.60 -4.44 31.93
CA LEU B 46 -24.22 -4.15 31.45
C LEU B 46 -23.73 -2.90 32.18
N PRO B 47 -22.40 -2.66 32.26
CA PRO B 47 -21.86 -1.50 33.00
C PRO B 47 -21.97 -0.16 32.26
N TRP B 48 -22.16 -0.20 30.93
CA TRP B 48 -22.28 0.98 30.03
C TRP B 48 -23.70 1.00 29.45
N LYS B 49 -24.24 2.18 29.18
CA LYS B 49 -25.63 2.34 28.66
C LYS B 49 -25.79 1.46 27.41
N CYS B 50 -25.40 1.97 26.22
CA CYS B 50 -25.51 1.28 24.89
C CYS B 50 -24.25 1.59 24.07
N ILE B 51 -23.40 0.59 23.83
CA ILE B 51 -22.30 0.65 22.81
C ILE B 51 -22.74 -0.21 21.64
N SER B 52 -23.14 0.45 20.54
CA SER B 52 -24.01 -0.09 19.46
C SER B 52 -23.19 -0.67 18.30
N LEU B 53 -21.89 -0.36 18.23
CA LEU B 53 -20.99 -1.02 17.26
C LEU B 53 -20.77 -2.44 17.74
N ASP B 54 -20.77 -2.63 19.07
CA ASP B 54 -20.56 -3.94 19.72
C ASP B 54 -21.81 -4.80 19.58
N MET B 55 -23.01 -4.22 19.78
CA MET B 55 -24.31 -4.92 19.58
C MET B 55 -24.35 -5.44 18.15
N LYS B 56 -23.89 -4.64 17.18
CA LYS B 56 -23.88 -4.98 15.73
C LYS B 56 -22.91 -6.15 15.49
N TYR B 57 -21.67 -6.02 16.01
CA TYR B 57 -20.63 -7.06 15.92
C TYR B 57 -21.22 -8.36 16.44
N PHE B 58 -21.76 -8.31 17.67
CA PHE B 58 -22.38 -9.46 18.38
C PHE B 58 -23.44 -10.15 17.51
N ARG B 59 -24.24 -9.41 16.74
CA ARG B 59 -25.18 -10.00 15.75
C ARG B 59 -24.36 -10.74 14.70
N ALA B 60 -23.61 -10.02 13.87
CA ALA B 60 -22.96 -10.58 12.67
C ALA B 60 -22.26 -11.89 13.06
N VAL B 61 -21.60 -11.91 14.22
CA VAL B 61 -20.77 -13.07 14.69
C VAL B 61 -21.70 -14.22 15.10
N THR B 62 -22.77 -13.94 15.85
CA THR B 62 -23.63 -15.01 16.45
C THR B 62 -24.73 -15.47 15.46
N THR B 63 -25.07 -14.71 14.42
CA THR B 63 -25.97 -15.21 13.34
C THR B 63 -25.17 -16.05 12.32
N TYR B 64 -24.02 -15.55 11.86
CA TYR B 64 -23.32 -16.03 10.63
C TYR B 64 -23.05 -17.54 10.71
N VAL B 65 -23.30 -18.21 9.56
CA VAL B 65 -23.06 -19.66 9.27
C VAL B 65 -22.66 -19.80 7.79
N ASN B 66 -21.73 -20.73 7.51
CA ASN B 66 -21.25 -21.04 6.15
C ASN B 66 -21.92 -22.35 5.68
N GLU B 67 -22.77 -22.25 4.64
CA GLU B 67 -23.36 -23.41 3.91
C GLU B 67 -22.33 -24.55 3.83
N SER B 68 -21.38 -24.45 2.89
CA SER B 68 -20.49 -25.55 2.46
C SER B 68 -19.28 -25.66 3.41
N LYS B 69 -19.54 -25.87 4.70
CA LYS B 69 -18.48 -26.10 5.73
C LYS B 69 -18.99 -26.98 6.88
N TYR B 70 -20.31 -26.97 7.16
CA TYR B 70 -20.97 -27.86 8.15
C TYR B 70 -20.81 -29.33 7.74
N GLU B 71 -20.53 -29.59 6.45
CA GLU B 71 -20.14 -30.94 5.97
C GLU B 71 -18.94 -31.43 6.81
N LYS B 72 -17.96 -30.55 7.07
CA LYS B 72 -16.70 -30.88 7.78
C LYS B 72 -16.86 -30.80 9.30
N LEU B 73 -18.08 -30.58 9.81
CA LEU B 73 -18.43 -30.63 11.26
C LEU B 73 -19.47 -31.74 11.52
N LYS B 74 -20.35 -32.06 10.57
CA LYS B 74 -21.11 -33.34 10.53
C LYS B 74 -20.08 -34.47 10.64
N TYR B 75 -18.92 -34.25 9.99
CA TYR B 75 -17.70 -35.09 9.98
C TYR B 75 -17.19 -35.25 11.41
N LYS B 76 -16.46 -34.25 11.93
CA LYS B 76 -15.52 -34.38 13.07
C LYS B 76 -16.27 -34.52 14.40
N ARG B 77 -17.59 -34.26 14.45
CA ARG B 77 -18.42 -34.36 15.70
C ARG B 77 -19.14 -35.71 15.75
N CYS B 78 -19.53 -36.27 14.59
CA CYS B 78 -20.22 -37.58 14.49
C CYS B 78 -19.23 -38.68 14.05
N LYS B 79 -18.02 -38.30 13.60
CA LYS B 79 -16.84 -39.20 13.48
C LYS B 79 -16.16 -39.30 14.86
N TYR B 80 -16.60 -38.48 15.82
CA TYR B 80 -16.18 -38.50 17.24
C TYR B 80 -16.98 -39.57 17.99
N LEU B 81 -18.25 -39.80 17.61
CA LEU B 81 -19.19 -40.79 18.25
C LEU B 81 -19.47 -41.94 17.29
N LYS B 97 -33.17 -23.43 7.59
CA LYS B 97 -31.74 -23.23 7.22
C LYS B 97 -30.89 -23.36 8.49
N LEU B 98 -29.77 -24.10 8.42
CA LEU B 98 -28.83 -24.36 9.53
C LEU B 98 -28.50 -23.06 10.31
N GLN B 99 -28.64 -23.09 11.63
CA GLN B 99 -28.49 -21.91 12.53
C GLN B 99 -27.25 -22.06 13.41
N ASN B 100 -27.09 -21.15 14.39
CA ASN B 100 -26.01 -21.16 15.42
C ASN B 100 -26.64 -21.35 16.81
N VAL B 101 -25.92 -22.06 17.68
CA VAL B 101 -26.28 -22.25 19.11
C VAL B 101 -25.69 -21.08 19.91
N VAL B 102 -26.45 -20.57 20.88
CA VAL B 102 -26.01 -19.57 21.90
C VAL B 102 -26.43 -20.08 23.29
N VAL B 103 -25.59 -19.88 24.30
CA VAL B 103 -25.72 -20.45 25.68
C VAL B 103 -25.59 -19.32 26.70
N MET B 104 -26.65 -18.98 27.43
CA MET B 104 -26.62 -17.86 28.39
C MET B 104 -27.18 -18.34 29.73
N GLY B 105 -26.62 -17.83 30.84
CA GLY B 105 -27.14 -18.05 32.20
C GLY B 105 -28.50 -17.39 32.38
N ARG B 106 -29.21 -17.74 33.44
CA ARG B 106 -30.57 -17.18 33.73
C ARG B 106 -30.43 -15.66 33.73
N THR B 107 -29.55 -15.11 34.58
CA THR B 107 -29.35 -13.65 34.76
C THR B 107 -29.04 -13.04 33.39
N ASN B 108 -28.10 -13.63 32.65
CA ASN B 108 -27.75 -13.24 31.27
C ASN B 108 -29.01 -13.33 30.40
N TRP B 109 -29.88 -14.31 30.65
CA TRP B 109 -31.14 -14.50 29.88
C TRP B 109 -32.20 -13.47 30.30
N GLU B 110 -32.32 -13.18 31.61
CA GLU B 110 -33.30 -12.19 32.16
C GLU B 110 -32.88 -10.77 31.79
N SER B 111 -31.59 -10.43 31.97
CA SER B 111 -30.99 -9.10 31.67
C SER B 111 -31.44 -8.63 30.28
N ILE B 112 -31.81 -9.56 29.40
CA ILE B 112 -32.31 -9.31 28.02
C ILE B 112 -33.72 -8.76 28.13
N PRO B 113 -34.11 -7.74 27.32
CA PRO B 113 -35.50 -7.32 27.25
C PRO B 113 -36.35 -8.42 26.60
N LYS B 114 -37.66 -8.21 26.56
CA LYS B 114 -38.67 -9.22 26.16
C LYS B 114 -38.71 -9.35 24.63
N LYS B 115 -38.54 -8.24 23.91
CA LYS B 115 -38.85 -8.08 22.46
C LYS B 115 -37.85 -8.87 21.59
N PHE B 116 -36.66 -9.16 22.10
CA PHE B 116 -35.55 -9.77 21.33
C PHE B 116 -35.44 -11.28 21.62
N LYS B 117 -36.07 -11.76 22.70
CA LYS B 117 -36.12 -13.20 23.09
C LYS B 117 -37.03 -13.96 22.11
N PRO B 118 -36.81 -15.28 21.88
CA PRO B 118 -35.49 -15.90 21.95
C PRO B 118 -34.63 -15.34 20.80
N LEU B 119 -33.40 -14.90 21.09
CA LEU B 119 -32.52 -14.21 20.11
C LEU B 119 -32.78 -14.81 18.73
N SER B 120 -33.39 -14.03 17.82
CA SER B 120 -33.78 -14.45 16.45
C SER B 120 -32.65 -15.20 15.72
N ASN B 121 -33.01 -16.17 14.88
CA ASN B 121 -32.11 -16.88 13.93
C ASN B 121 -31.05 -17.71 14.66
N ARG B 122 -31.26 -17.99 15.96
CA ARG B 122 -30.27 -18.69 16.82
C ARG B 122 -30.98 -19.72 17.70
N ILE B 123 -30.40 -20.93 17.78
CA ILE B 123 -30.80 -22.01 18.71
C ILE B 123 -30.50 -21.54 20.14
N ASN B 124 -31.45 -20.83 20.75
CA ASN B 124 -31.33 -20.32 22.14
C ASN B 124 -31.23 -21.52 23.09
N VAL B 125 -30.67 -21.31 24.28
CA VAL B 125 -30.33 -22.36 25.30
C VAL B 125 -30.07 -21.60 26.60
N ILE B 126 -30.17 -22.24 27.76
CA ILE B 126 -29.91 -21.58 29.08
C ILE B 126 -29.27 -22.58 30.05
N LEU B 127 -28.38 -22.10 30.93
CA LEU B 127 -27.94 -22.84 32.14
C LEU B 127 -28.88 -22.49 33.31
N SER B 128 -29.48 -23.51 33.96
CA SER B 128 -30.43 -23.35 35.10
C SER B 128 -30.66 -24.71 35.79
N ARG B 129 -30.20 -24.84 37.05
CA ARG B 129 -30.54 -25.99 37.95
C ARG B 129 -32.04 -25.95 38.28
N THR B 130 -32.62 -24.76 38.31
CA THR B 130 -34.00 -24.46 38.79
C THR B 130 -34.98 -24.52 37.61
N LEU B 131 -35.32 -23.38 36.99
CA LEU B 131 -36.52 -23.20 36.12
C LEU B 131 -36.42 -24.11 34.88
N LYS B 132 -37.54 -24.76 34.49
CA LYS B 132 -37.64 -25.75 33.37
C LYS B 132 -38.39 -25.13 32.18
N LYS B 133 -38.93 -25.95 31.26
CA LYS B 133 -39.48 -25.49 29.95
C LYS B 133 -40.96 -25.08 30.08
N GLU B 134 -41.71 -25.69 31.02
CA GLU B 134 -43.15 -25.38 31.32
C GLU B 134 -43.23 -24.01 31.99
N ASP B 135 -42.21 -23.65 32.78
CA ASP B 135 -42.03 -22.30 33.39
C ASP B 135 -41.89 -21.25 32.28
N PHE B 136 -40.86 -21.39 31.43
CA PHE B 136 -40.32 -20.32 30.55
C PHE B 136 -41.10 -20.24 29.23
N ASP B 137 -40.88 -19.12 28.52
CA ASP B 137 -41.81 -18.46 27.56
C ASP B 137 -41.80 -19.20 26.21
N GLU B 138 -40.97 -18.76 25.24
CA GLU B 138 -40.95 -19.29 23.84
C GLU B 138 -40.21 -20.63 23.81
N ASP B 139 -39.83 -21.11 22.61
CA ASP B 139 -39.36 -22.50 22.33
C ASP B 139 -37.82 -22.53 22.26
N VAL B 140 -37.20 -22.03 23.35
CA VAL B 140 -35.75 -22.15 23.71
C VAL B 140 -35.43 -23.64 23.95
N TYR B 141 -34.27 -23.91 24.57
CA TYR B 141 -33.88 -25.20 25.18
C TYR B 141 -33.36 -24.87 26.58
N ILE B 142 -33.28 -25.85 27.48
CA ILE B 142 -32.65 -25.64 28.82
C ILE B 142 -31.76 -26.86 29.10
N ILE B 143 -30.77 -26.64 29.97
CA ILE B 143 -29.82 -27.66 30.48
C ILE B 143 -29.46 -27.25 31.91
N ASN B 144 -29.04 -28.21 32.75
CA ASN B 144 -28.96 -28.08 34.24
C ASN B 144 -27.55 -28.47 34.74
N LYS B 145 -26.91 -29.44 34.08
CA LYS B 145 -25.47 -29.76 34.23
C LYS B 145 -24.71 -29.01 33.12
N VAL B 146 -23.49 -28.54 33.42
CA VAL B 146 -22.56 -28.00 32.38
C VAL B 146 -22.39 -29.09 31.31
N GLU B 147 -22.13 -30.34 31.74
CA GLU B 147 -21.96 -31.53 30.86
C GLU B 147 -23.18 -31.70 29.94
N ASP B 148 -24.40 -31.51 30.47
CA ASP B 148 -25.69 -31.81 29.76
C ASP B 148 -25.72 -31.08 28.41
N LEU B 149 -25.01 -29.95 28.30
CA LEU B 149 -24.76 -29.25 27.00
C LEU B 149 -24.11 -30.22 26.00
N ILE B 150 -22.99 -30.85 26.38
CA ILE B 150 -22.20 -31.77 25.50
C ILE B 150 -23.19 -32.64 24.73
N VAL B 151 -24.03 -33.41 25.44
CA VAL B 151 -25.07 -34.32 24.86
C VAL B 151 -25.95 -33.52 23.88
N LEU B 152 -26.52 -32.38 24.30
CA LEU B 152 -27.48 -31.57 23.49
C LEU B 152 -26.83 -31.21 22.15
N LEU B 153 -25.56 -30.80 22.17
CA LEU B 153 -24.79 -30.49 20.93
C LEU B 153 -24.57 -31.78 20.14
N GLY B 154 -24.24 -32.88 20.83
CA GLY B 154 -24.06 -34.23 20.25
C GLY B 154 -25.29 -34.67 19.46
N LYS B 155 -26.47 -34.16 19.81
CA LYS B 155 -27.76 -34.36 19.10
C LYS B 155 -27.88 -33.41 17.91
N LEU B 156 -27.99 -32.10 18.22
CA LEU B 156 -28.47 -31.03 17.28
C LEU B 156 -27.63 -30.97 16.00
N ASN B 157 -28.18 -30.30 14.98
CA ASN B 157 -27.47 -29.81 13.77
C ASN B 157 -27.25 -28.29 13.90
N TYR B 158 -26.00 -27.86 14.04
CA TYR B 158 -25.60 -26.46 14.36
C TYR B 158 -24.20 -26.18 13.80
N TYR B 159 -23.92 -24.92 13.44
CA TYR B 159 -22.63 -24.49 12.85
C TYR B 159 -21.56 -24.32 13.95
N LYS B 160 -21.71 -23.32 14.83
CA LYS B 160 -20.79 -23.06 15.99
C LYS B 160 -21.63 -22.70 17.23
N CYS B 161 -21.08 -22.96 18.42
CA CYS B 161 -21.75 -22.79 19.75
C CYS B 161 -21.07 -21.65 20.52
N PHE B 162 -21.87 -20.64 20.91
CA PHE B 162 -21.42 -19.36 21.51
C PHE B 162 -21.89 -19.29 22.97
N ILE B 163 -20.95 -19.03 23.87
CA ILE B 163 -21.24 -18.79 25.32
C ILE B 163 -21.35 -17.27 25.54
N LEU B 164 -22.58 -16.73 25.55
CA LEU B 164 -22.86 -15.28 25.74
C LEU B 164 -22.66 -14.93 27.22
N GLY B 165 -22.86 -15.89 28.12
CA GLY B 165 -22.21 -15.96 29.44
C GLY B 165 -23.04 -15.37 30.56
N GLY B 166 -22.50 -14.32 31.19
CA GLY B 166 -22.54 -14.08 32.64
C GLY B 166 -21.21 -14.50 33.25
N SER B 167 -20.69 -13.75 34.21
CA SER B 167 -19.42 -14.04 34.93
C SER B 167 -19.34 -15.53 35.25
N VAL B 168 -20.41 -16.06 35.87
CA VAL B 168 -20.48 -17.45 36.40
C VAL B 168 -20.39 -18.44 35.23
N VAL B 169 -21.19 -18.30 34.17
CA VAL B 169 -21.15 -19.21 32.97
C VAL B 169 -19.73 -19.24 32.38
N TYR B 170 -19.16 -18.07 32.03
CA TYR B 170 -17.77 -17.94 31.52
C TYR B 170 -16.79 -18.69 32.43
N GLN B 171 -16.78 -18.33 33.72
CA GLN B 171 -15.84 -18.84 34.76
C GLN B 171 -15.68 -20.36 34.62
N GLU B 172 -16.79 -21.10 34.69
CA GLU B 172 -16.78 -22.58 34.84
C GLU B 172 -16.55 -23.25 33.47
N PHE B 173 -16.70 -22.51 32.37
CA PHE B 173 -16.37 -22.99 30.99
C PHE B 173 -14.87 -22.84 30.71
N LEU B 174 -14.19 -21.86 31.31
CA LEU B 174 -12.72 -21.69 31.16
C LEU B 174 -11.97 -22.67 32.08
N GLU B 175 -12.43 -22.85 33.33
CA GLU B 175 -11.88 -23.83 34.30
C GLU B 175 -11.85 -25.23 33.68
N LYS B 176 -12.96 -25.63 33.04
CA LYS B 176 -13.19 -27.00 32.50
C LYS B 176 -12.58 -27.15 31.08
N LYS B 177 -11.88 -26.12 30.57
CA LYS B 177 -11.11 -26.18 29.29
C LYS B 177 -12.02 -26.62 28.14
N LEU B 178 -13.13 -25.90 27.96
CA LEU B 178 -14.20 -26.17 26.95
C LEU B 178 -14.24 -25.07 25.87
N ILE B 179 -13.46 -23.99 26.04
CA ILE B 179 -13.48 -22.78 25.16
C ILE B 179 -12.35 -22.90 24.14
N LYS B 180 -12.69 -23.11 22.87
CA LYS B 180 -11.71 -23.06 21.74
C LYS B 180 -11.17 -21.62 21.61
N LYS B 181 -12.06 -20.66 21.37
CA LYS B 181 -11.74 -19.24 21.06
C LYS B 181 -12.60 -18.34 21.95
N ILE B 182 -12.06 -17.18 22.36
CA ILE B 182 -12.83 -16.06 22.99
C ILE B 182 -12.93 -14.92 21.99
N TYR B 183 -14.14 -14.44 21.69
CA TYR B 183 -14.43 -13.29 20.79
C TYR B 183 -14.67 -12.03 21.64
N PHE B 184 -13.57 -11.44 22.11
CA PHE B 184 -13.49 -10.47 23.25
C PHE B 184 -13.46 -9.03 22.72
N THR B 185 -14.47 -8.21 23.08
CA THR B 185 -14.50 -6.75 22.83
C THR B 185 -13.80 -6.04 24.00
N ARG B 186 -12.84 -5.17 23.67
CA ARG B 186 -12.17 -4.26 24.63
C ARG B 186 -12.89 -2.93 24.61
N ILE B 187 -13.82 -2.70 25.55
CA ILE B 187 -14.50 -1.38 25.73
C ILE B 187 -13.49 -0.48 26.45
N ASN B 188 -12.97 0.55 25.77
CA ASN B 188 -11.83 1.37 26.29
C ASN B 188 -12.37 2.65 26.96
N SER B 189 -13.26 2.46 27.91
CA SER B 189 -13.60 3.44 28.96
C SER B 189 -13.79 2.70 30.30
N THR B 190 -13.96 3.49 31.38
CA THR B 190 -14.05 3.06 32.81
C THR B 190 -15.52 3.12 33.28
N TYR B 191 -16.02 2.04 33.89
CA TYR B 191 -17.42 1.87 34.38
C TYR B 191 -17.43 1.10 35.69
N GLU B 192 -18.31 1.51 36.59
CA GLU B 192 -18.65 0.81 37.85
C GLU B 192 -19.05 -0.62 37.49
N CYS B 193 -18.43 -1.63 38.12
CA CYS B 193 -18.68 -3.07 37.86
C CYS B 193 -18.82 -3.85 39.18
N ASP B 194 -19.71 -4.85 39.21
CA ASP B 194 -19.87 -5.84 40.33
C ASP B 194 -19.34 -7.23 39.89
N VAL B 195 -19.43 -7.55 38.60
CA VAL B 195 -18.99 -8.88 38.03
C VAL B 195 -17.87 -8.66 37.01
N PHE B 196 -17.02 -9.68 36.84
CA PHE B 196 -15.79 -9.62 36.01
C PHE B 196 -15.65 -10.89 35.16
N PHE B 197 -14.74 -10.82 34.20
CA PHE B 197 -14.23 -11.95 33.39
C PHE B 197 -13.05 -12.57 34.13
N PRO B 198 -12.83 -13.89 34.00
CA PRO B 198 -11.64 -14.53 34.53
C PRO B 198 -10.36 -13.97 33.89
N GLU B 199 -9.35 -13.64 34.71
CA GLU B 199 -7.98 -13.45 34.21
C GLU B 199 -7.79 -14.54 33.14
N ILE B 200 -7.55 -14.13 31.90
CA ILE B 200 -7.36 -15.06 30.75
C ILE B 200 -5.96 -15.68 30.88
N ASN B 201 -5.91 -17.01 30.99
CA ASN B 201 -4.70 -17.77 31.40
C ASN B 201 -3.62 -17.61 30.31
N GLU B 202 -2.65 -16.74 30.56
CA GLU B 202 -1.69 -16.20 29.55
C GLU B 202 -1.10 -17.35 28.71
N ASN B 203 -0.76 -18.49 29.32
CA ASN B 203 -0.03 -19.63 28.66
C ASN B 203 -1.03 -20.66 28.12
N GLU B 204 -2.32 -20.51 28.44
CA GLU B 204 -3.44 -21.44 28.08
C GLU B 204 -4.24 -20.86 26.90
N TYR B 205 -4.19 -19.54 26.70
CA TYR B 205 -4.76 -18.82 25.52
C TYR B 205 -3.75 -17.83 24.94
N GLN B 206 -3.86 -17.51 23.64
CA GLN B 206 -3.09 -16.43 22.98
C GLN B 206 -3.98 -15.74 21.93
N ILE B 207 -3.67 -14.48 21.62
CA ILE B 207 -4.43 -13.60 20.68
C ILE B 207 -3.93 -13.87 19.25
N ILE B 208 -4.82 -14.20 18.32
CA ILE B 208 -4.48 -14.64 16.94
C ILE B 208 -4.97 -13.60 15.92
N SER B 209 -5.70 -12.58 16.36
CA SER B 209 -6.33 -11.56 15.47
C SER B 209 -6.71 -10.33 16.30
N VAL B 210 -6.61 -9.14 15.71
CA VAL B 210 -6.95 -7.84 16.37
C VAL B 210 -7.48 -6.90 15.30
N SER B 211 -8.68 -6.35 15.50
CA SER B 211 -9.47 -5.59 14.51
C SER B 211 -9.02 -4.12 14.43
N ASP B 212 -9.65 -3.35 13.54
CA ASP B 212 -9.51 -1.88 13.42
C ASP B 212 -9.99 -1.29 14.75
N VAL B 213 -9.58 -0.07 15.10
CA VAL B 213 -10.09 0.64 16.31
C VAL B 213 -11.26 1.53 15.89
N TYR B 214 -12.23 1.69 16.76
CA TYR B 214 -13.51 2.34 16.42
C TYR B 214 -13.94 3.26 17.56
N THR B 215 -14.58 4.38 17.22
CA THR B 215 -15.40 5.17 18.18
C THR B 215 -16.86 4.77 18.00
N SER B 216 -17.58 4.73 19.12
CA SER B 216 -19.01 4.37 19.22
C SER B 216 -19.46 4.84 20.59
N ASN B 217 -20.46 5.72 20.64
CA ASN B 217 -21.09 6.20 21.90
C ASN B 217 -19.98 6.71 22.81
N ASN B 218 -19.18 7.64 22.31
CA ASN B 218 -18.09 8.38 23.00
C ASN B 218 -17.12 7.40 23.71
N THR B 219 -16.82 6.27 23.11
CA THR B 219 -15.69 5.43 23.60
C THR B 219 -15.06 4.69 22.43
N THR B 220 -13.74 4.52 22.50
CA THR B 220 -13.03 3.61 21.60
C THR B 220 -13.19 2.17 22.11
N LEU B 221 -13.03 1.27 21.16
CA LEU B 221 -13.27 -0.17 21.28
C LEU B 221 -12.58 -0.80 20.07
N ASP B 222 -12.03 -1.98 20.30
CA ASP B 222 -11.63 -2.95 19.26
C ASP B 222 -12.14 -4.34 19.68
N PHE B 223 -11.88 -5.30 18.79
CA PHE B 223 -12.32 -6.70 18.80
C PHE B 223 -11.08 -7.57 18.59
N ILE B 224 -10.68 -8.33 19.62
CA ILE B 224 -9.54 -9.29 19.51
C ILE B 224 -10.08 -10.73 19.57
N ILE B 225 -9.25 -11.68 19.13
CA ILE B 225 -9.63 -13.12 19.09
C ILE B 225 -8.54 -13.90 19.81
N TYR B 226 -8.90 -14.47 20.97
CA TYR B 226 -8.10 -15.44 21.75
C TYR B 226 -8.39 -16.85 21.23
N LYS B 227 -7.30 -17.62 21.03
CA LYS B 227 -7.35 -19.06 20.67
C LYS B 227 -6.64 -19.86 21.77
N LYS B 228 -7.08 -21.11 21.98
CA LYS B 228 -6.39 -22.07 22.87
C LYS B 228 -5.08 -22.47 22.19
N THR B 229 -3.97 -22.30 22.90
CA THR B 229 -2.60 -22.77 22.53
C THR B 229 -2.54 -24.30 22.63
N ASN B 230 -1.54 -24.91 21.99
CA ASN B 230 -1.15 -26.34 22.16
C ASN B 230 0.35 -26.39 22.47
N ASN B 231 0.71 -26.89 23.66
CA ASN B 231 2.09 -27.08 24.17
C ASN B 231 2.63 -28.43 23.67
N ASP B 283 -11.91 -23.35 -8.15
CA ASP B 283 -11.07 -22.47 -9.01
C ASP B 283 -9.72 -22.28 -8.30
N ASP B 284 -8.87 -23.31 -8.30
CA ASP B 284 -7.55 -23.31 -7.58
C ASP B 284 -6.38 -23.41 -8.58
N GLU B 285 -6.64 -23.21 -9.88
CA GLU B 285 -5.59 -23.06 -10.93
C GLU B 285 -4.97 -21.67 -10.81
N GLU B 286 -5.82 -20.66 -10.65
CA GLU B 286 -5.41 -19.25 -10.47
C GLU B 286 -4.59 -19.13 -9.18
N GLU B 287 -4.32 -20.24 -8.47
CA GLU B 287 -3.44 -20.29 -7.27
C GLU B 287 -2.00 -20.67 -7.71
N ASP B 288 -1.85 -21.53 -8.72
CA ASP B 288 -0.53 -21.90 -9.30
C ASP B 288 0.03 -20.72 -10.13
N ASP B 289 -0.83 -20.03 -10.87
CA ASP B 289 -0.50 -18.75 -11.56
C ASP B 289 0.19 -17.79 -10.57
N PHE B 290 -0.28 -17.71 -9.31
CA PHE B 290 0.34 -16.89 -8.24
C PHE B 290 1.82 -17.29 -8.07
N VAL B 291 2.13 -18.58 -8.02
CA VAL B 291 3.52 -19.11 -7.87
C VAL B 291 4.35 -18.72 -9.10
N TYR B 292 3.81 -18.87 -10.30
CA TYR B 292 4.55 -18.53 -11.54
C TYR B 292 4.92 -17.03 -11.48
N PHE B 293 3.97 -16.19 -11.08
CA PHE B 293 4.20 -14.72 -11.06
C PHE B 293 5.25 -14.38 -9.99
N ASN B 294 5.47 -15.27 -9.01
CA ASN B 294 6.48 -15.06 -7.93
C ASN B 294 7.79 -15.74 -8.33
N PHE B 295 7.88 -16.29 -9.54
CA PHE B 295 9.09 -17.00 -10.01
C PHE B 295 10.38 -16.21 -9.76
N ASN B 296 10.35 -14.89 -9.77
CA ASN B 296 11.60 -14.08 -9.66
C ASN B 296 11.77 -13.48 -8.26
N LYS B 297 10.96 -13.89 -7.28
CA LYS B 297 11.06 -13.35 -5.89
C LYS B 297 12.29 -13.92 -5.18
N GLU B 298 12.90 -13.06 -4.36
CA GLU B 298 13.67 -13.39 -3.13
C GLU B 298 13.20 -14.70 -2.49
N LYS B 299 14.11 -15.63 -2.23
CA LYS B 299 13.80 -16.96 -1.62
C LYS B 299 13.85 -16.81 -0.08
N GLU B 300 14.89 -17.32 0.60
CA GLU B 300 14.99 -17.46 2.09
C GLU B 300 16.31 -16.83 2.60
N GLU B 301 17.43 -17.18 1.95
CA GLU B 301 18.76 -16.52 2.08
C GLU B 301 18.68 -15.09 1.53
N LYS B 302 17.73 -14.87 0.59
CA LYS B 302 17.51 -13.61 -0.17
C LYS B 302 16.21 -12.89 0.31
N ASN B 303 15.56 -13.32 1.41
CA ASN B 303 14.76 -12.43 2.30
C ASN B 303 15.72 -11.68 3.26
N LYS B 304 16.27 -10.55 2.79
CA LYS B 304 17.67 -10.05 2.98
C LYS B 304 18.29 -10.42 4.34
N ASN B 305 17.71 -9.89 5.44
CA ASN B 305 18.47 -9.38 6.62
C ASN B 305 18.52 -10.41 7.76
N SER B 306 19.40 -10.11 8.74
CA SER B 306 20.06 -10.96 9.78
C SER B 306 19.31 -10.93 11.13
N ILE B 307 18.07 -10.43 11.15
CA ILE B 307 17.08 -10.65 12.23
C ILE B 307 16.54 -12.08 12.05
N HIS B 308 15.74 -12.60 12.99
CA HIS B 308 15.27 -14.01 12.95
C HIS B 308 13.75 -14.10 12.84
N PRO B 309 13.19 -15.28 12.44
CA PRO B 309 11.74 -15.50 12.49
C PRO B 309 11.32 -15.65 13.96
N ASN B 310 11.78 -16.75 14.58
CA ASN B 310 11.78 -17.07 16.05
C ASN B 310 11.25 -15.89 16.87
N ASP B 311 11.96 -14.77 16.80
CA ASP B 311 12.00 -13.70 17.84
C ASP B 311 10.73 -12.85 17.76
N PHE B 312 10.07 -12.80 16.59
CA PHE B 312 8.78 -12.11 16.35
C PHE B 312 7.63 -13.11 16.26
N GLN B 313 7.56 -14.12 17.13
CA GLN B 313 6.67 -15.31 16.92
C GLN B 313 5.21 -14.89 17.18
N ILE B 314 4.99 -14.00 18.15
CA ILE B 314 3.64 -13.47 18.50
C ILE B 314 3.17 -12.58 17.35
N TYR B 315 4.05 -11.74 16.80
CA TYR B 315 3.77 -10.90 15.61
C TYR B 315 3.42 -11.83 14.44
N ASN B 316 4.22 -12.87 14.26
CA ASN B 316 4.13 -13.77 13.08
C ASN B 316 2.90 -14.68 13.22
N SER B 317 2.41 -14.90 14.43
CA SER B 317 1.30 -15.84 14.71
C SER B 317 -0.06 -15.16 14.46
N LEU B 318 -0.14 -13.82 14.56
CA LEU B 318 -1.39 -13.07 14.28
C LEU B 318 -1.79 -13.26 12.80
N LYS B 319 -3.00 -13.76 12.55
CA LYS B 319 -3.56 -13.91 11.18
C LYS B 319 -4.03 -12.53 10.71
N TYR B 320 -4.80 -11.84 11.55
CA TYR B 320 -5.45 -10.54 11.20
C TYR B 320 -4.90 -9.44 12.12
N LYS B 321 -4.22 -8.47 11.50
CA LYS B 321 -3.38 -7.42 12.13
C LYS B 321 -3.94 -6.06 11.70
N TYR B 322 -5.17 -5.78 12.09
CA TYR B 322 -6.00 -4.72 11.48
C TYR B 322 -6.02 -3.48 12.38
N HIS B 323 -5.55 -3.56 13.63
CA HIS B 323 -5.35 -2.39 14.55
C HIS B 323 -4.40 -1.43 13.84
N PRO B 324 -4.68 -0.11 13.77
CA PRO B 324 -3.88 0.82 12.98
C PRO B 324 -2.43 0.98 13.44
N GLU B 325 -2.10 0.66 14.68
CA GLU B 325 -0.70 0.61 15.15
C GLU B 325 0.14 -0.30 14.25
N TYR B 326 -0.48 -1.31 13.63
CA TYR B 326 0.21 -2.23 12.67
C TYR B 326 0.70 -1.46 11.45
N GLN B 327 0.10 -0.32 11.12
CA GLN B 327 0.66 0.54 10.06
C GLN B 327 2.07 0.95 10.44
N TYR B 328 2.32 1.22 11.73
CA TYR B 328 3.68 1.62 12.20
C TYR B 328 4.55 0.37 12.35
N LEU B 329 4.00 -0.69 12.95
CA LEU B 329 4.76 -1.93 13.32
C LEU B 329 5.20 -2.66 12.05
N ASN B 330 4.31 -2.77 11.05
CA ASN B 330 4.59 -3.45 9.75
C ASN B 330 5.74 -2.75 9.05
N ILE B 331 5.90 -1.44 9.23
CA ILE B 331 7.01 -0.68 8.56
C ILE B 331 8.33 -1.04 9.25
N ILE B 332 8.32 -1.16 10.56
CA ILE B 332 9.51 -1.61 11.33
C ILE B 332 9.91 -3.02 10.88
N TYR B 333 8.95 -3.93 10.78
CA TYR B 333 9.17 -5.31 10.29
C TYR B 333 9.75 -5.23 8.89
N ASP B 334 9.14 -4.42 8.01
CA ASP B 334 9.60 -4.30 6.61
C ASP B 334 11.05 -3.80 6.60
N ILE B 335 11.36 -2.75 7.36
CA ILE B 335 12.75 -2.21 7.35
C ILE B 335 13.75 -3.24 7.92
N MET B 336 13.40 -3.94 8.99
CA MET B 336 14.31 -4.92 9.63
C MET B 336 14.66 -6.05 8.65
N MET B 337 13.66 -6.52 7.91
CA MET B 337 13.72 -7.73 7.06
C MET B 337 14.27 -7.40 5.67
N ASN B 338 13.91 -6.25 5.10
CA ASN B 338 14.25 -5.91 3.68
C ASN B 338 15.09 -4.63 3.59
N GLY B 339 15.34 -3.97 4.73
CA GLY B 339 16.11 -2.72 4.83
C GLY B 339 17.54 -2.87 4.29
N ASN B 340 18.03 -1.82 3.65
CA ASN B 340 19.43 -1.69 3.18
C ASN B 340 20.33 -1.26 4.35
N LYS B 341 21.37 -2.03 4.66
CA LYS B 341 22.42 -1.60 5.63
C LYS B 341 23.10 -0.34 5.06
N GLN B 342 23.04 0.80 5.77
CA GLN B 342 23.84 2.03 5.43
C GLN B 342 24.50 2.55 6.70
N SER B 343 25.55 3.37 6.54
CA SER B 343 26.26 4.01 7.68
C SER B 343 26.18 5.54 7.51
N ASP B 344 25.26 6.17 8.25
CA ASP B 344 24.84 7.59 8.10
C ASP B 344 25.89 8.53 8.72
N ARG B 345 25.68 9.83 8.43
CA ARG B 345 26.28 11.03 9.07
C ARG B 345 27.19 10.63 10.24
N THR B 346 26.59 10.12 11.32
CA THR B 346 27.16 10.06 12.71
C THR B 346 28.05 8.81 12.93
N GLY B 347 28.31 7.98 11.89
CA GLY B 347 29.10 6.73 11.98
C GLY B 347 28.35 5.58 12.65
N VAL B 348 27.01 5.69 12.79
CA VAL B 348 26.16 4.94 13.76
C VAL B 348 25.70 3.59 13.18
N GLY B 349 25.10 3.60 11.99
CA GLY B 349 24.55 2.39 11.35
C GLY B 349 23.02 2.36 11.42
N VAL B 350 22.34 2.19 10.29
CA VAL B 350 20.86 2.09 10.18
C VAL B 350 20.52 1.04 9.13
N LEU B 351 19.31 0.51 9.25
CA LEU B 351 18.59 -0.18 8.16
C LEU B 351 17.63 0.85 7.58
N SER B 352 17.57 0.99 6.25
CA SER B 352 16.90 2.13 5.58
C SER B 352 16.06 1.62 4.40
N LYS B 353 14.85 2.14 4.26
CA LYS B 353 14.00 2.02 3.05
C LYS B 353 13.55 3.43 2.67
N PHE B 354 12.87 3.61 1.54
CA PHE B 354 12.47 4.92 0.96
C PHE B 354 11.02 4.85 0.47
N GLY B 355 10.11 5.60 1.11
CA GLY B 355 8.75 5.83 0.60
C GLY B 355 7.74 4.92 1.26
N TYR B 356 7.05 5.42 2.28
CA TYR B 356 5.91 4.75 2.96
C TYR B 356 4.81 5.78 3.16
N ILE B 357 3.59 5.30 3.42
CA ILE B 357 2.39 6.12 3.68
C ILE B 357 1.58 5.39 4.76
N MET B 358 1.45 5.97 5.97
CA MET B 358 0.51 5.51 7.02
C MET B 358 -0.68 6.50 7.08
N LYS B 359 -1.88 6.01 7.38
CA LYS B 359 -3.10 6.85 7.46
C LYS B 359 -3.83 6.47 8.73
N PHE B 360 -4.18 7.43 9.58
CA PHE B 360 -4.85 7.17 10.88
C PHE B 360 -6.18 7.94 10.89
N ASP B 361 -7.27 7.24 11.22
CA ASP B 361 -8.62 7.83 11.24
C ASP B 361 -8.79 8.53 12.59
N LEU B 362 -8.42 9.81 12.62
CA LEU B 362 -8.58 10.73 13.78
C LEU B 362 -10.04 10.80 14.24
N SER B 363 -11.01 10.48 13.39
CA SER B 363 -12.46 10.51 13.74
C SER B 363 -12.80 9.30 14.60
N GLN B 364 -11.94 8.27 14.60
CA GLN B 364 -12.24 6.96 15.24
C GLN B 364 -11.30 6.71 16.43
N TYR B 365 -10.15 7.40 16.48
CA TYR B 365 -9.16 7.23 17.59
C TYR B 365 -8.05 8.26 17.47
N PHE B 366 -7.22 8.35 18.51
CA PHE B 366 -6.00 9.19 18.54
C PHE B 366 -4.79 8.27 18.43
N PRO B 367 -4.00 8.33 17.34
CA PRO B 367 -3.00 7.29 17.09
C PRO B 367 -1.71 7.46 17.93
N LEU B 368 -1.82 7.38 19.26
CA LEU B 368 -0.67 7.40 20.18
C LEU B 368 -0.24 5.96 20.42
N LEU B 369 0.93 5.57 19.90
CA LEU B 369 1.43 4.16 19.97
C LEU B 369 1.21 3.56 21.37
N THR B 370 0.62 2.35 21.42
CA THR B 370 0.24 1.60 22.65
C THR B 370 1.21 0.47 22.96
N THR B 371 2.11 0.10 22.04
CA THR B 371 3.10 -0.99 22.26
C THR B 371 4.26 -0.51 23.13
N LYS B 372 4.24 0.77 23.56
CA LYS B 372 5.17 1.34 24.59
C LYS B 372 4.63 2.68 25.08
N LYS B 373 5.21 3.18 26.17
CA LYS B 373 4.72 4.38 26.87
C LYS B 373 5.27 5.62 26.15
N LEU B 374 4.37 6.52 25.74
CA LEU B 374 4.72 7.84 25.17
C LEU B 374 4.09 8.97 26.01
N PHE B 375 4.87 10.04 26.16
CA PHE B 375 4.56 11.28 26.90
C PHE B 375 4.39 12.42 25.91
N LEU B 376 3.40 13.30 26.11
CA LEU B 376 3.06 14.32 25.09
C LEU B 376 3.24 15.78 25.57
N ARG B 377 3.40 16.10 26.85
CA ARG B 377 3.54 17.52 27.28
C ARG B 377 4.64 18.23 26.46
N GLY B 378 5.83 17.63 26.35
CA GLY B 378 6.98 18.22 25.63
C GLY B 378 6.64 18.52 24.16
N ILE B 379 6.04 17.58 23.44
CA ILE B 379 5.70 17.76 22.00
C ILE B 379 4.44 18.65 21.88
N ILE B 380 3.56 18.72 22.88
CA ILE B 380 2.48 19.73 22.86
C ILE B 380 3.11 21.10 23.03
N GLU B 381 4.08 21.27 23.95
CA GLU B 381 4.72 22.62 24.16
C GLU B 381 5.46 23.04 22.88
N GLU B 382 6.04 22.06 22.17
CA GLU B 382 6.86 22.33 20.96
C GLU B 382 5.94 22.91 19.88
N LEU B 383 4.77 22.30 19.75
CA LEU B 383 3.68 22.72 18.83
C LEU B 383 3.22 24.14 19.18
N LEU B 384 3.00 24.46 20.46
CA LEU B 384 2.57 25.84 20.88
C LEU B 384 3.69 26.83 20.57
N TRP B 385 4.90 26.39 20.84
CA TRP B 385 6.14 27.15 20.54
C TRP B 385 6.24 27.47 19.05
N PHE B 386 6.00 26.49 18.16
CA PHE B 386 6.00 26.74 16.69
C PHE B 386 4.95 27.80 16.37
N ILE B 387 3.73 27.61 16.85
CA ILE B 387 2.56 28.47 16.53
C ILE B 387 2.88 29.92 16.93
N ARG B 388 3.60 30.16 18.03
CA ARG B 388 3.97 31.52 18.45
C ARG B 388 5.12 32.08 17.59
N GLY B 389 5.71 31.31 16.68
CA GLY B 389 6.83 31.77 15.83
C GLY B 389 8.19 31.81 16.53
N GLU B 390 8.32 31.22 17.72
CA GLU B 390 9.61 31.26 18.45
C GLU B 390 10.69 30.45 17.72
N THR B 391 11.93 30.85 17.92
CA THR B 391 13.14 30.12 17.48
C THR B 391 14.08 30.03 18.68
N ASN B 392 13.61 30.45 19.86
CA ASN B 392 14.41 30.63 21.09
C ASN B 392 14.37 29.28 21.83
N GLY B 393 15.45 28.52 21.71
CA GLY B 393 15.60 27.25 22.44
C GLY B 393 15.41 27.39 23.96
N ASN B 394 15.79 28.51 24.57
CA ASN B 394 15.73 28.69 26.05
C ASN B 394 14.26 28.58 26.51
N THR B 395 13.28 29.05 25.71
CA THR B 395 11.84 29.10 26.10
C THR B 395 11.40 27.68 26.44
N LEU B 396 11.80 26.73 25.59
CA LEU B 396 11.56 25.30 25.79
C LEU B 396 12.37 24.79 26.99
N LEU B 397 13.63 25.19 27.15
CA LEU B 397 14.53 24.61 28.20
C LEU B 397 14.02 25.02 29.57
N ASN B 398 13.41 26.21 29.70
CA ASN B 398 12.84 26.71 30.98
C ASN B 398 11.50 26.00 31.25
N LYS B 399 10.95 25.23 30.30
CA LYS B 399 9.75 24.39 30.54
C LYS B 399 10.20 22.93 30.58
N ASN B 400 11.51 22.70 30.60
CA ASN B 400 12.11 21.34 30.65
C ASN B 400 11.56 20.48 29.52
N VAL B 401 11.49 21.04 28.32
CA VAL B 401 11.30 20.34 27.03
C VAL B 401 12.66 20.42 26.35
N ARG B 402 13.33 19.29 26.12
CA ARG B 402 14.78 19.30 25.77
C ARG B 402 15.03 18.63 24.41
N ILE B 403 13.97 18.53 23.59
CA ILE B 403 13.92 18.03 22.19
C ILE B 403 15.01 18.72 21.37
N TRP B 404 15.28 20.01 21.61
CA TRP B 404 16.17 20.84 20.74
C TRP B 404 17.46 21.18 21.46
N GLU B 405 17.69 20.62 22.64
CA GLU B 405 18.86 21.03 23.46
C GLU B 405 20.15 20.76 22.70
N ALA B 406 20.36 19.53 22.22
CA ALA B 406 21.61 19.14 21.54
C ALA B 406 21.86 20.09 20.35
N ASN B 407 20.80 20.61 19.73
CA ASN B 407 20.91 21.36 18.44
C ASN B 407 21.22 22.83 18.70
N GLY B 408 21.27 23.23 19.97
CA GLY B 408 21.52 24.63 20.40
C GLY B 408 22.87 24.84 21.05
N THR B 409 23.70 23.80 21.29
CA THR B 409 24.98 23.97 22.03
C THR B 409 25.94 24.81 21.20
N ARG B 410 26.84 25.53 21.86
CA ARG B 410 28.01 26.16 21.17
C ARG B 410 28.61 25.15 20.18
N GLU B 411 28.81 23.90 20.61
CA GLU B 411 29.58 22.90 19.81
C GLU B 411 28.81 22.62 18.51
N PHE B 412 27.50 22.34 18.62
CA PHE B 412 26.64 21.90 17.49
C PHE B 412 26.43 23.06 16.50
N LEU B 413 26.23 24.27 17.01
CA LEU B 413 26.13 25.48 16.16
C LEU B 413 27.45 25.71 15.42
N ASP B 414 28.59 25.67 16.12
CA ASP B 414 29.96 25.81 15.54
C ASP B 414 30.14 24.76 14.45
N ASN B 415 29.69 23.52 14.62
CA ASN B 415 29.89 22.49 13.58
C ASN B 415 28.94 22.69 12.38
N ARG B 416 27.84 23.42 12.55
CA ARG B 416 26.94 23.86 11.46
C ARG B 416 27.51 25.13 10.82
N LYS B 417 28.71 25.54 11.24
CA LYS B 417 29.38 26.78 10.75
C LYS B 417 28.49 27.98 11.13
N LEU B 418 27.83 27.94 12.29
CA LEU B 418 27.04 29.09 12.81
C LEU B 418 27.79 29.68 14.00
N PHE B 419 29.00 30.14 13.74
CA PHE B 419 29.93 30.71 14.75
C PHE B 419 29.32 31.97 15.37
N HIS B 420 28.32 32.61 14.76
CA HIS B 420 27.83 33.97 15.13
C HIS B 420 26.37 33.89 15.58
N ARG B 421 26.02 32.72 16.08
CA ARG B 421 24.67 32.36 16.53
C ARG B 421 24.79 32.11 18.03
N GLU B 422 24.02 32.84 18.81
CA GLU B 422 23.82 32.60 20.25
C GLU B 422 23.32 31.18 20.49
N VAL B 423 23.89 30.57 21.52
CA VAL B 423 23.50 29.24 22.08
C VAL B 423 21.98 29.22 22.27
N ASN B 424 21.33 28.21 21.71
CA ASN B 424 19.86 27.98 21.74
C ASN B 424 19.14 29.00 20.84
N ASP B 425 19.86 29.86 20.11
CA ASP B 425 19.27 30.58 18.94
C ASP B 425 19.25 29.59 17.76
N LEU B 426 18.10 28.98 17.51
CA LEU B 426 18.02 27.79 16.60
C LEU B 426 17.87 28.24 15.15
N GLY B 427 17.74 29.56 14.92
CA GLY B 427 17.68 30.18 13.59
C GLY B 427 16.27 30.10 13.01
N PRO B 428 16.08 30.36 11.70
CA PRO B 428 14.74 30.40 11.10
C PRO B 428 14.18 29.00 10.86
N ILE B 429 13.87 28.32 11.98
CA ILE B 429 13.26 26.97 11.98
C ILE B 429 11.71 27.09 11.98
N TYR B 430 11.05 25.94 12.16
CA TYR B 430 9.59 25.75 12.09
C TYR B 430 8.86 27.07 12.34
N GLY B 431 8.83 27.52 13.60
CA GLY B 431 8.05 28.69 14.03
C GLY B 431 8.25 29.87 13.10
N PHE B 432 9.49 30.15 12.72
CA PHE B 432 9.81 31.36 11.92
C PHE B 432 9.24 31.24 10.49
N GLN B 433 9.40 30.08 9.87
CA GLN B 433 8.86 29.80 8.54
C GLN B 433 7.32 29.81 8.59
N TRP B 434 6.71 29.29 9.65
CA TRP B 434 5.24 29.16 9.76
C TRP B 434 4.54 30.52 9.77
N ARG B 435 5.17 31.52 10.38
CA ARG B 435 4.61 32.87 10.65
C ARG B 435 5.44 33.98 9.96
N HIS B 436 6.60 33.73 9.35
CA HIS B 436 7.38 34.85 8.77
C HIS B 436 8.21 34.47 7.54
N PHE B 437 7.72 33.56 6.70
CA PHE B 437 8.51 32.97 5.58
C PHE B 437 8.95 34.10 4.65
N GLY B 438 10.27 34.27 4.52
CA GLY B 438 10.91 35.23 3.59
C GLY B 438 11.48 36.43 4.30
N ALA B 439 11.16 36.60 5.58
CA ALA B 439 11.71 37.67 6.43
C ALA B 439 13.19 37.32 6.68
N GLU B 440 14.06 38.33 6.64
CA GLU B 440 15.49 38.20 6.97
C GLU B 440 15.58 37.88 8.46
N TYR B 441 15.94 36.65 8.83
CA TYR B 441 16.22 36.27 10.25
C TYR B 441 17.36 37.13 10.79
N THR B 442 17.25 37.55 12.04
CA THR B 442 18.27 38.39 12.73
C THR B 442 18.75 37.67 13.98
N ASN B 443 17.91 37.57 15.01
CA ASN B 443 18.16 36.74 16.22
C ASN B 443 16.82 36.36 16.87
N MET B 444 16.85 35.42 17.82
CA MET B 444 15.64 34.78 18.41
C MET B 444 14.80 35.79 19.22
N TYR B 445 15.32 36.99 19.48
CA TYR B 445 14.70 38.02 20.36
C TYR B 445 14.06 39.13 19.51
N ASP B 446 14.41 39.27 18.24
CA ASP B 446 13.86 40.36 17.40
C ASP B 446 12.33 40.21 17.28
N ASN B 447 11.64 41.35 17.23
CA ASN B 447 10.19 41.45 16.93
C ASN B 447 10.01 41.32 15.43
N TYR B 448 9.31 40.31 14.93
CA TYR B 448 9.13 40.14 13.47
C TYR B 448 7.68 40.40 13.02
N GLU B 449 6.83 40.99 13.86
CA GLU B 449 5.40 41.30 13.55
C GLU B 449 5.22 41.92 12.13
N ASN B 450 4.30 41.32 11.37
CA ASN B 450 3.91 41.69 9.97
C ASN B 450 5.18 41.73 9.10
N LYS B 451 6.14 40.83 9.32
CA LYS B 451 7.27 40.60 8.40
C LYS B 451 7.19 39.18 7.85
N GLY B 452 7.38 39.03 6.53
CA GLY B 452 7.34 37.75 5.81
C GLY B 452 5.94 37.19 5.74
N VAL B 453 5.77 35.99 5.19
CA VAL B 453 4.45 35.38 4.87
C VAL B 453 4.00 34.55 6.08
N ASP B 454 2.89 34.94 6.72
CA ASP B 454 2.21 34.17 7.81
C ASP B 454 1.41 33.05 7.14
N GLN B 455 2.10 31.99 6.79
CA GLN B 455 1.48 30.80 6.17
C GLN B 455 0.40 30.25 7.08
N LEU B 456 0.58 30.37 8.41
CA LEU B 456 -0.33 29.71 9.37
C LEU B 456 -1.67 30.44 9.31
N LYS B 457 -1.66 31.76 9.46
CA LYS B 457 -2.89 32.59 9.25
C LYS B 457 -3.46 32.26 7.86
N ASN B 458 -2.61 32.23 6.83
CA ASN B 458 -3.06 31.96 5.43
C ASN B 458 -3.73 30.57 5.31
N ILE B 459 -3.16 29.48 5.80
CA ILE B 459 -3.74 28.14 5.48
C ILE B 459 -5.07 28.01 6.21
N ILE B 460 -5.24 28.73 7.31
CA ILE B 460 -6.50 28.73 8.11
C ILE B 460 -7.59 29.50 7.35
N ASN B 461 -7.24 30.67 6.81
CA ASN B 461 -8.14 31.47 5.94
C ASN B 461 -8.51 30.68 4.69
N LEU B 462 -7.62 29.86 4.11
CA LEU B 462 -7.95 29.01 2.93
C LEU B 462 -8.95 27.93 3.36
N ILE B 463 -8.71 27.25 4.46
CA ILE B 463 -9.66 26.19 4.88
C ILE B 463 -11.06 26.79 5.01
N LYS B 464 -11.19 27.97 5.61
CA LYS B 464 -12.50 28.60 5.94
C LYS B 464 -13.15 29.24 4.69
N ASN B 465 -12.40 29.92 3.85
CA ASN B 465 -12.93 30.64 2.67
C ASN B 465 -12.91 29.77 1.41
N ASP B 466 -11.98 28.79 1.29
CA ASP B 466 -11.70 28.09 0.01
C ASP B 466 -11.28 26.64 0.28
N PRO B 467 -12.12 25.85 0.97
CA PRO B 467 -11.74 24.48 1.37
C PRO B 467 -11.41 23.55 0.20
N THR B 468 -11.93 23.83 -0.99
CA THR B 468 -11.65 22.94 -2.15
C THR B 468 -10.30 23.30 -2.79
N SER B 469 -9.62 24.33 -2.31
CA SER B 469 -8.23 24.67 -2.68
C SER B 469 -7.33 23.44 -2.59
N ARG B 470 -6.40 23.33 -3.53
CA ARG B 470 -5.35 22.30 -3.53
C ARG B 470 -4.01 22.99 -3.24
N ARG B 471 -4.07 24.14 -2.57
CA ARG B 471 -2.87 24.98 -2.27
C ARG B 471 -2.74 25.21 -0.77
N ILE B 472 -3.40 24.41 0.05
CA ILE B 472 -3.39 24.59 1.53
C ILE B 472 -2.20 23.79 2.05
N LEU B 473 -1.02 24.34 1.83
CA LEU B 473 0.27 23.76 2.25
C LEU B 473 0.88 24.65 3.31
N LEU B 474 1.35 24.04 4.38
CA LEU B 474 2.20 24.71 5.40
C LEU B 474 3.60 24.14 5.24
N CYS B 475 4.56 24.95 4.76
CA CYS B 475 5.94 24.50 4.37
C CYS B 475 7.04 25.20 5.20
N ALA B 476 7.88 24.39 5.87
CA ALA B 476 9.02 24.70 6.76
C ALA B 476 10.36 24.62 6.03
N TRP B 477 10.38 24.06 4.82
CA TRP B 477 11.62 23.82 4.04
C TRP B 477 11.92 25.06 3.18
N ASN B 478 12.40 26.12 3.80
CA ASN B 478 12.79 27.37 3.11
C ASN B 478 14.25 27.18 2.64
N VAL B 479 14.45 27.00 1.32
CA VAL B 479 15.77 26.64 0.72
C VAL B 479 16.78 27.78 0.97
N LYS B 480 16.30 29.02 0.93
CA LYS B 480 17.10 30.23 1.18
C LYS B 480 17.76 30.15 2.57
N ASP B 481 17.05 29.56 3.55
CA ASP B 481 17.34 29.68 5.00
C ASP B 481 17.92 28.38 5.57
N LEU B 482 18.10 27.31 4.80
CA LEU B 482 18.46 25.99 5.41
C LEU B 482 19.77 26.13 6.19
N ASP B 483 20.77 26.78 5.61
CA ASP B 483 22.09 26.83 6.27
C ASP B 483 22.02 27.62 7.57
N GLN B 484 21.13 28.62 7.67
CA GLN B 484 21.01 29.44 8.89
C GLN B 484 20.29 28.63 9.98
N MET B 485 19.65 27.51 9.65
CA MET B 485 18.87 26.74 10.66
C MET B 485 19.84 25.84 11.46
N ALA B 486 19.62 25.71 12.76
CA ALA B 486 20.38 24.76 13.59
C ALA B 486 20.38 23.41 12.87
N LEU B 487 19.27 23.01 12.29
CA LEU B 487 19.28 21.94 11.25
C LEU B 487 18.03 22.03 10.38
N PRO B 488 18.08 21.50 9.13
CA PRO B 488 16.93 21.50 8.22
C PRO B 488 15.81 20.68 8.85
N PRO B 489 14.54 21.04 8.61
CA PRO B 489 13.44 20.32 9.24
C PRO B 489 13.26 18.88 8.74
N CYS B 490 12.83 17.96 9.59
CA CYS B 490 12.43 16.59 9.14
C CYS B 490 11.04 16.72 8.52
N HIS B 491 10.21 17.57 9.10
CA HIS B 491 8.78 17.70 8.71
C HIS B 491 8.68 18.80 7.65
N ILE B 492 8.68 18.43 6.38
CA ILE B 492 8.97 19.36 5.25
C ILE B 492 7.76 20.26 5.09
N LEU B 493 6.59 19.63 5.05
CA LEU B 493 5.31 20.33 4.86
C LEU B 493 4.11 19.52 5.37
N CYS B 494 3.03 20.24 5.59
CA CYS B 494 1.64 19.73 5.73
C CYS B 494 0.82 20.16 4.48
N GLN B 495 -0.06 19.29 4.02
CA GLN B 495 -1.09 19.70 3.08
C GLN B 495 -2.42 19.27 3.69
N PHE B 496 -3.44 20.13 3.53
CA PHE B 496 -4.79 19.90 4.05
C PHE B 496 -5.76 19.71 2.88
N TYR B 497 -6.83 19.02 3.17
CA TYR B 497 -7.91 18.59 2.29
C TYR B 497 -9.16 18.82 3.11
N VAL B 498 -10.19 19.40 2.54
CA VAL B 498 -11.48 19.45 3.26
C VAL B 498 -12.57 18.82 2.40
N PHE B 499 -13.33 17.89 2.95
CA PHE B 499 -14.55 17.39 2.29
C PHE B 499 -15.64 17.26 3.34
N ASP B 500 -16.87 17.75 3.03
CA ASP B 500 -18.11 17.52 3.84
C ASP B 500 -17.84 17.90 5.31
N GLY B 501 -17.23 19.06 5.53
CA GLY B 501 -16.93 19.63 6.86
C GLY B 501 -15.91 18.82 7.66
N LYS B 502 -15.06 18.04 6.97
CA LYS B 502 -13.98 17.20 7.56
C LYS B 502 -12.62 17.58 7.00
N LEU B 503 -11.58 17.53 7.83
CA LEU B 503 -10.21 18.00 7.52
C LEU B 503 -9.26 16.82 7.61
N SER B 504 -8.61 16.52 6.49
CA SER B 504 -7.44 15.61 6.44
C SER B 504 -6.16 16.42 6.29
N CYS B 505 -5.03 15.84 6.73
CA CYS B 505 -3.70 16.45 6.68
C CYS B 505 -2.70 15.37 6.27
N ILE B 506 -1.94 15.64 5.21
CA ILE B 506 -0.71 14.91 4.85
C ILE B 506 0.50 15.68 5.41
N MET B 507 1.39 14.98 6.09
CA MET B 507 2.71 15.53 6.44
C MET B 507 3.76 14.67 5.73
N TYR B 508 4.61 15.31 4.95
CA TYR B 508 5.73 14.64 4.24
C TYR B 508 6.97 14.74 5.11
N GLN B 509 7.50 13.59 5.54
CA GLN B 509 8.67 13.57 6.47
C GLN B 509 9.88 13.09 5.67
N ARG B 510 10.91 13.93 5.55
CA ARG B 510 12.09 13.62 4.71
C ARG B 510 12.93 12.54 5.41
N SER B 511 13.02 12.60 6.75
CA SER B 511 13.94 11.76 7.58
C SER B 511 13.19 11.19 8.79
N CYS B 512 13.13 9.86 8.91
CA CYS B 512 12.20 9.12 9.79
C CYS B 512 12.99 8.09 10.60
N ASP B 513 13.30 8.45 11.84
CA ASP B 513 13.79 7.52 12.87
C ASP B 513 12.60 6.75 13.41
N LEU B 514 12.37 5.54 12.92
CA LEU B 514 11.13 4.78 13.25
C LEU B 514 11.06 4.42 14.74
N GLY B 515 12.20 4.26 15.40
CA GLY B 515 12.31 3.86 16.82
C GLY B 515 11.98 4.98 17.80
N LEU B 516 12.57 6.17 17.63
CA LEU B 516 12.37 7.30 18.59
C LEU B 516 11.39 8.33 18.03
N GLY B 517 11.65 8.80 16.82
CA GLY B 517 11.02 10.00 16.22
C GLY B 517 9.60 9.77 15.80
N VAL B 518 9.39 8.81 14.90
CA VAL B 518 8.07 8.68 14.21
C VAL B 518 6.95 8.56 15.24
N PRO B 519 7.14 7.82 16.37
CA PRO B 519 6.05 7.64 17.30
C PRO B 519 5.55 9.00 17.79
N PHE B 520 6.46 9.89 18.17
CA PHE B 520 6.16 11.27 18.58
C PHE B 520 5.59 12.08 17.42
N ASN B 521 6.18 11.90 16.24
CA ASN B 521 5.87 12.74 15.05
C ASN B 521 4.42 12.54 14.65
N ILE B 522 3.95 11.30 14.75
CA ILE B 522 2.52 10.94 14.51
C ILE B 522 1.62 11.73 15.47
N ALA B 523 1.97 11.75 16.75
CA ALA B 523 1.18 12.43 17.78
C ALA B 523 1.16 13.94 17.50
N SER B 524 2.31 14.55 17.26
CA SER B 524 2.45 16.01 17.03
C SER B 524 1.44 16.44 15.97
N TYR B 525 1.53 15.81 14.80
CA TYR B 525 0.75 16.24 13.61
C TYR B 525 -0.71 15.79 13.73
N SER B 526 -0.99 14.76 14.52
CA SER B 526 -2.38 14.35 14.80
C SER B 526 -3.02 15.48 15.60
N ILE B 527 -2.37 15.89 16.68
CA ILE B 527 -2.79 17.02 17.55
C ILE B 527 -2.98 18.25 16.68
N PHE B 528 -1.97 18.64 15.91
CA PHE B 528 -2.03 19.81 15.01
C PHE B 528 -3.32 19.77 14.21
N THR B 529 -3.63 18.61 13.62
CA THR B 529 -4.77 18.43 12.70
C THR B 529 -6.03 18.79 13.45
N HIS B 530 -6.16 18.30 14.69
CA HIS B 530 -7.29 18.57 15.62
C HIS B 530 -7.36 20.09 15.89
N MET B 531 -6.22 20.68 16.19
CA MET B 531 -6.17 22.13 16.50
C MET B 531 -6.68 22.85 15.25
N ILE B 532 -6.10 22.57 14.08
CA ILE B 532 -6.49 23.30 12.83
C ILE B 532 -7.99 23.06 12.59
N ALA B 533 -8.46 21.82 12.79
CA ALA B 533 -9.85 21.45 12.47
C ALA B 533 -10.78 22.29 13.34
N GLN B 534 -10.47 22.41 14.63
CA GLN B 534 -11.36 23.02 15.64
C GLN B 534 -11.46 24.53 15.42
N VAL B 535 -10.35 25.23 15.15
CA VAL B 535 -10.38 26.69 14.90
C VAL B 535 -11.05 26.96 13.55
N CYS B 536 -11.25 25.95 12.73
CA CYS B 536 -11.90 26.06 11.42
C CYS B 536 -13.34 25.49 11.48
N ASN B 537 -13.81 25.06 12.63
CA ASN B 537 -15.15 24.42 12.82
C ASN B 537 -15.35 23.26 11.85
N LEU B 538 -14.36 22.40 11.76
CA LEU B 538 -14.39 21.12 11.01
C LEU B 538 -14.13 19.95 11.97
N GLN B 539 -14.54 18.76 11.57
CA GLN B 539 -14.22 17.51 12.28
C GLN B 539 -12.92 16.95 11.69
N PRO B 540 -11.92 16.56 12.51
CA PRO B 540 -10.69 15.99 11.96
C PRO B 540 -11.10 14.67 11.31
N ALA B 541 -10.52 14.33 10.17
CA ALA B 541 -10.70 13.06 9.46
C ALA B 541 -9.40 12.22 9.54
N GLN B 542 -8.53 12.29 8.55
CA GLN B 542 -7.30 11.46 8.51
C GLN B 542 -6.07 12.32 8.68
N PHE B 543 -5.16 11.86 9.54
CA PHE B 543 -3.73 12.26 9.47
C PHE B 543 -3.02 11.22 8.60
N ILE B 544 -2.32 11.70 7.55
CA ILE B 544 -1.63 10.83 6.56
C ILE B 544 -0.14 11.17 6.61
N HIS B 545 0.66 10.20 7.01
CA HIS B 545 2.10 10.41 7.32
C HIS B 545 2.83 9.71 6.19
N VAL B 546 3.48 10.49 5.33
CA VAL B 546 4.28 10.00 4.18
C VAL B 546 5.73 10.00 4.61
N LEU B 547 6.36 8.84 4.76
CA LEU B 547 7.78 8.74 5.18
C LEU B 547 8.68 8.70 3.94
N GLY B 548 9.73 9.49 3.91
CA GLY B 548 10.73 9.46 2.83
C GLY B 548 11.85 8.51 3.18
N ASN B 549 12.97 8.99 3.71
CA ASN B 549 14.05 8.12 4.24
C ASN B 549 13.57 7.62 5.58
N ALA B 550 13.08 6.39 5.61
CA ALA B 550 12.63 5.68 6.83
C ALA B 550 13.76 4.76 7.31
N HIS B 551 14.22 4.94 8.53
CA HIS B 551 15.37 4.18 9.07
C HIS B 551 15.08 3.73 10.50
N VAL B 552 15.59 2.55 10.79
CA VAL B 552 15.79 1.96 12.13
C VAL B 552 17.25 2.12 12.44
N TYR B 553 17.58 2.78 13.54
CA TYR B 553 18.98 2.79 14.04
C TYR B 553 19.28 1.31 14.36
N ASN B 554 20.44 0.80 13.97
CA ASN B 554 20.83 -0.63 14.11
C ASN B 554 20.68 -1.08 15.57
N ASN B 555 21.01 -0.20 16.52
CA ASN B 555 20.96 -0.49 17.98
C ASN B 555 19.59 -0.19 18.61
N HIS B 556 18.53 -0.01 17.82
CA HIS B 556 17.12 0.01 18.31
C HIS B 556 16.52 -1.37 18.04
N ILE B 557 17.18 -2.15 17.21
CA ILE B 557 16.65 -3.45 16.71
C ILE B 557 16.18 -4.30 17.88
N ASP B 558 16.99 -4.58 18.91
CA ASP B 558 16.54 -5.49 19.99
C ASP B 558 15.23 -4.95 20.63
N SER B 559 15.17 -3.64 20.88
CA SER B 559 14.01 -2.96 21.51
C SER B 559 12.76 -3.12 20.63
N LEU B 560 12.90 -2.93 19.33
CA LEU B 560 11.76 -2.98 18.38
C LEU B 560 11.23 -4.43 18.24
N LYS B 561 12.14 -5.43 18.25
CA LYS B 561 11.81 -6.90 18.30
C LYS B 561 10.90 -7.16 19.50
N ILE B 562 11.31 -6.66 20.68
CA ILE B 562 10.45 -6.69 21.90
C ILE B 562 9.13 -5.99 21.55
N GLN B 563 9.19 -4.86 20.83
CA GLN B 563 7.98 -4.05 20.58
C GLN B 563 7.04 -4.75 19.59
N LEU B 564 7.57 -5.36 18.52
CA LEU B 564 6.76 -6.06 17.48
C LEU B 564 5.91 -7.19 18.09
N ASN B 565 6.40 -7.85 19.15
CA ASN B 565 5.74 -9.00 19.81
C ASN B 565 4.76 -8.56 20.91
N ARG B 566 4.39 -7.28 20.97
CA ARG B 566 3.34 -6.77 21.88
C ARG B 566 2.07 -6.47 21.10
N ILE B 567 0.93 -6.95 21.59
CA ILE B 567 -0.39 -6.73 20.94
C ILE B 567 -0.87 -5.32 21.29
N PRO B 568 -1.10 -4.44 20.29
CA PRO B 568 -1.54 -3.09 20.58
C PRO B 568 -2.83 -3.12 21.40
N TYR B 569 -3.00 -2.15 22.29
CA TYR B 569 -4.27 -1.89 22.99
C TYR B 569 -5.11 -0.91 22.15
N PRO B 570 -6.44 -0.84 22.37
CA PRO B 570 -7.25 0.16 21.69
C PRO B 570 -6.76 1.55 22.07
N PHE B 571 -6.66 2.43 21.06
CA PHE B 571 -6.05 3.77 21.15
C PHE B 571 -6.83 4.59 22.17
N PRO B 572 -6.23 5.67 22.68
CA PRO B 572 -6.95 6.65 23.48
C PRO B 572 -7.74 7.62 22.59
N THR B 573 -8.22 8.73 23.18
CA THR B 573 -8.83 9.90 22.49
C THR B 573 -8.14 11.17 23.00
N LEU B 574 -8.26 12.26 22.24
CA LEU B 574 -7.76 13.61 22.55
C LEU B 574 -8.99 14.47 22.82
N LYS B 575 -9.07 15.16 23.95
CA LYS B 575 -10.10 16.22 24.10
C LYS B 575 -9.37 17.53 24.08
N LEU B 576 -9.61 18.32 23.04
CA LEU B 576 -9.30 19.77 23.06
C LEU B 576 -10.43 20.45 23.82
N ASN B 577 -10.07 21.33 24.75
CA ASN B 577 -10.90 22.45 25.23
C ASN B 577 -11.65 23.08 24.05
N PRO B 578 -12.98 22.86 23.94
CA PRO B 578 -13.77 23.37 22.80
C PRO B 578 -13.88 24.90 22.67
N ASP B 579 -13.56 25.65 23.73
CA ASP B 579 -13.60 27.14 23.71
C ASP B 579 -12.54 27.71 22.77
N ILE B 580 -11.43 27.03 22.47
CA ILE B 580 -10.33 27.69 21.73
C ILE B 580 -10.69 27.71 20.24
N LYS B 581 -10.86 28.88 19.65
CA LYS B 581 -11.21 29.02 18.22
C LYS B 581 -10.18 29.85 17.47
N ASN B 582 -9.11 30.25 18.14
CA ASN B 582 -7.92 30.82 17.46
C ASN B 582 -6.75 29.87 17.70
N ILE B 583 -6.04 29.52 16.65
CA ILE B 583 -4.85 28.62 16.69
C ILE B 583 -3.82 29.19 17.68
N GLU B 584 -3.79 30.52 17.84
CA GLU B 584 -2.77 31.17 18.66
C GLU B 584 -3.10 31.04 20.14
N ASP B 585 -4.33 30.61 20.51
CA ASP B 585 -4.88 30.80 21.88
C ASP B 585 -4.86 29.48 22.67
N PHE B 586 -4.23 28.44 22.14
CA PHE B 586 -4.05 27.16 22.86
C PHE B 586 -3.00 27.34 23.97
N THR B 587 -3.23 26.68 25.11
CA THR B 587 -2.27 26.50 26.23
C THR B 587 -2.21 25.01 26.63
N ILE B 588 -1.18 24.60 27.39
CA ILE B 588 -0.91 23.17 27.70
C ILE B 588 -2.15 22.52 28.34
N SER B 589 -2.94 23.25 29.14
CA SER B 589 -4.13 22.69 29.85
C SER B 589 -5.35 22.46 28.93
N ASP B 590 -5.39 22.97 27.69
CA ASP B 590 -6.50 22.70 26.73
C ASP B 590 -6.33 21.31 26.10
N PHE B 591 -5.27 20.55 26.41
CA PHE B 591 -4.98 19.23 25.78
C PHE B 591 -5.09 18.11 26.83
N THR B 592 -6.00 17.16 26.62
CA THR B 592 -6.20 15.99 27.51
C THR B 592 -6.21 14.73 26.67
N ILE B 593 -5.33 13.77 26.99
CA ILE B 593 -5.37 12.38 26.45
C ILE B 593 -6.26 11.53 27.37
N GLN B 594 -7.20 10.79 26.79
CA GLN B 594 -8.21 9.99 27.54
C GLN B 594 -8.12 8.49 27.22
N ASN B 595 -8.12 7.67 28.27
CA ASN B 595 -8.11 6.18 28.25
C ASN B 595 -6.82 5.65 27.60
N TYR B 596 -5.65 6.26 27.89
CA TYR B 596 -4.38 5.78 27.29
C TYR B 596 -3.98 4.50 28.02
N VAL B 597 -4.14 3.36 27.36
CA VAL B 597 -3.71 2.01 27.83
C VAL B 597 -2.52 1.62 26.96
N HIS B 598 -1.39 1.36 27.60
CA HIS B 598 -0.07 1.15 26.95
C HIS B 598 0.69 0.00 27.65
N HIS B 599 1.45 -0.78 26.86
CA HIS B 599 2.51 -1.70 27.37
C HIS B 599 3.58 -0.83 28.02
N GLU B 600 4.53 -1.45 28.70
CA GLU B 600 5.50 -0.72 29.56
C GLU B 600 6.47 0.10 28.69
N LYS B 601 7.02 1.15 29.28
CA LYS B 601 8.21 1.89 28.79
C LYS B 601 9.24 0.92 28.18
N ILE B 602 9.85 1.32 27.08
CA ILE B 602 11.01 0.63 26.45
C ILE B 602 12.10 1.68 26.23
N SER B 603 13.25 1.56 26.89
CA SER B 603 14.50 2.26 26.48
C SER B 603 14.88 1.69 25.11
N MET B 604 14.90 2.54 24.08
CA MET B 604 15.06 2.02 22.69
C MET B 604 16.49 1.48 22.52
N ASP B 605 17.45 2.01 23.30
CA ASP B 605 18.90 1.63 23.27
C ASP B 605 19.21 0.66 24.43
N MET B 606 20.49 0.27 24.55
CA MET B 606 21.15 -0.42 25.71
C MET B 606 20.15 -0.62 26.86
N1 UMP C . -1.75 19.65 -12.92
C2 UMP C . -1.23 18.35 -12.96
N3 UMP C . 0.12 18.28 -13.26
C4 UMP C . 0.95 19.34 -13.53
C5 UMP C . 0.33 20.64 -13.51
C6 UMP C . -0.97 20.74 -13.23
O2 UMP C . -1.87 17.34 -12.73
O4 UMP C . 2.15 19.11 -13.77
C1' UMP C . -3.18 19.83 -12.66
C2' UMP C . -3.64 19.56 -11.23
C3' UMP C . -4.90 20.41 -11.18
C4' UMP C . -4.41 21.67 -11.90
O3' UMP C . -5.99 19.82 -11.88
O4' UMP C . -3.50 21.19 -12.91
C5' UMP C . -3.69 22.67 -11.02
O5' UMP C . -4.68 23.48 -10.37
P UMP C . -4.49 23.82 -8.85
OP1 UMP C . -5.68 24.60 -8.45
OP2 UMP C . -4.41 22.53 -8.12
OP3 UMP C . -3.24 24.64 -8.88
PA NDP D . 7.83 -27.60 -34.68
O1A NDP D . 6.39 -27.36 -34.48
O2A NDP D . 8.69 -27.58 -33.55
O5B NDP D . 8.23 -29.08 -35.28
C5B NDP D . 7.27 -29.67 -36.20
C4B NDP D . 7.62 -31.14 -36.43
O4B NDP D . 7.00 -31.83 -35.36
C3B NDP D . 6.92 -31.72 -37.67
O3B NDP D . 7.76 -31.65 -38.78
C2B NDP D . 6.79 -33.14 -37.25
O2B NDP D . 8.11 -33.85 -37.19
C1B NDP D . 6.37 -33.02 -35.88
N9A NDP D . 4.95 -32.90 -35.64
C8A NDP D . 4.19 -31.87 -35.30
N7A NDP D . 2.95 -32.31 -35.10
C5A NDP D . 2.93 -33.61 -35.31
C6A NDP D . 1.96 -34.56 -35.23
N6A NDP D . 0.74 -34.26 -34.93
N1A NDP D . 2.22 -35.84 -35.45
C2A NDP D . 3.56 -36.17 -35.76
N3A NDP D . 4.54 -35.19 -35.86
C4A NDP D . 4.20 -33.95 -35.63
O3 NDP D . 8.38 -26.70 -36.00
PN NDP D . 8.19 -25.10 -36.41
O1N NDP D . 9.20 -25.16 -37.59
O2N NDP D . 6.73 -25.30 -36.52
O5D NDP D . 8.85 -24.78 -34.97
C5D NDP D . 10.27 -24.78 -34.63
C4D NDP D . 10.54 -23.30 -34.45
O4D NDP D . 9.88 -22.84 -33.21
C3D NDP D . 12.01 -23.06 -34.21
O3D NDP D . 12.37 -21.84 -34.83
C2D NDP D . 12.11 -23.01 -32.67
O2D NDP D . 13.36 -22.47 -32.19
C1D NDP D . 10.91 -22.18 -32.40
N1N NDP D . 10.26 -22.29 -31.11
C2N NDP D . 9.92 -21.12 -30.46
C3N NDP D . 9.26 -21.09 -29.23
C7N NDP D . 8.99 -19.87 -28.57
O7N NDP D . 8.34 -19.86 -27.55
N7N NDP D . 9.40 -18.71 -29.12
C4N NDP D . 8.81 -22.28 -28.66
C5N NDP D . 9.16 -23.47 -29.36
C6N NDP D . 9.89 -23.49 -30.55
P2B NDP D . 8.69 -34.67 -38.45
O1X NDP D . 8.90 -33.50 -39.34
O2X NDP D . 9.93 -35.41 -38.05
O3X NDP D . 7.57 -35.60 -38.84
CAI E9X E . 12.31 -21.04 -23.98
CAE E9X E . 10.95 -20.54 -24.49
CAJ E9X E . 11.31 -19.61 -25.63
NAD E9X E . 10.27 -19.69 -23.52
CAC E9X E . 8.96 -19.83 -23.21
NAH E9X E . 8.37 -18.98 -22.35
NAB E9X E . 8.27 -20.81 -23.77
CAA E9X E . 8.81 -21.69 -24.59
NAG E9X E . 7.96 -22.60 -25.11
NAF E9X E . 10.08 -21.64 -25.02
OAK E9X E . 10.65 -22.81 -24.84
CAL E9X E . 11.16 -23.60 -25.95
CAM E9X E . 11.59 -24.94 -25.43
CAN E9X E . 12.97 -25.38 -25.91
NAO E9X E . 14.20 -24.66 -25.49
CAP E9X E . 14.81 -24.96 -24.38
CAZ E9X E . 16.20 -25.12 -24.39
CBA E9X E . 16.87 -25.49 -23.23
CBB E9X E . 16.14 -25.68 -22.07
CL E9X E . 17.03 -26.09 -20.70
CAR E9X E . 14.74 -25.52 -22.04
CAQ E9X E . 14.08 -25.17 -23.20
CAS E9X E . 14.71 -23.77 -26.54
CAT E9X E . 16.04 -23.36 -26.69
CAU E9X E . 16.77 -22.71 -25.73
CAV E9X E . 18.07 -22.26 -26.01
CAW E9X E . 18.63 -22.41 -27.24
CAX E9X E . 17.89 -23.01 -28.22
CAY E9X E . 16.60 -23.46 -27.96
N1 UMP F . 14.22 12.80 13.21
C2 UMP F . 12.91 12.31 13.22
N3 UMP F . 11.96 13.23 13.54
C4 UMP F . 12.17 14.56 13.85
C5 UMP F . 13.55 14.98 13.84
C6 UMP F . 14.51 14.09 13.54
O2 UMP F . 12.59 11.16 12.94
O4 UMP F . 11.18 15.27 14.11
C1' UMP F . 15.34 11.86 12.97
C2' UMP F . 15.64 11.50 11.53
C3' UMP F . 17.13 11.19 11.64
C4' UMP F . 17.56 12.42 12.43
O3' UMP F . 17.37 9.99 12.40
O4' UMP F . 16.53 12.48 13.44
C5' UMP F . 17.63 13.73 11.67
O5' UMP F . 18.96 13.92 11.11
P UMP F . 19.11 14.18 9.54
OP1 UMP F . 20.53 13.81 9.15
OP2 UMP F . 18.07 13.24 8.97
OP3 UMP F . 18.82 15.62 9.25
PA NDP G . -25.41 -15.49 34.58
O1A NDP G . -24.22 -16.30 34.22
O2A NDP G . -26.14 -14.80 33.51
O5B NDP G . -26.54 -16.48 35.22
C5B NDP G . -26.17 -17.23 36.37
C4B NDP G . -27.10 -18.42 36.56
O4B NDP G . -26.90 -19.48 35.55
C3B NDP G . -26.75 -19.14 37.87
O3B NDP G . -27.19 -18.42 39.06
C2B NDP G . -27.54 -20.40 37.61
O2B NDP G . -28.94 -20.08 37.44
C1B NDP G . -27.01 -20.78 36.24
N9A NDP G . -25.74 -21.60 36.33
C8A NDP G . -24.46 -21.23 36.39
N7A NDP G . -23.70 -22.32 36.46
C5A NDP G . -24.50 -23.38 36.43
C6A NDP G . -24.26 -24.69 36.46
N6A NDP G . -22.98 -25.04 36.53
N1A NDP G . -25.24 -25.61 36.41
C2A NDP G . -26.57 -25.16 36.33
N3A NDP G . -26.80 -23.78 36.30
C4A NDP G . -25.77 -22.93 36.35
O3 NDP G . -25.00 -14.44 35.86
PN NDP G . -23.55 -13.65 36.01
O1N NDP G . -23.71 -13.23 37.42
O2N NDP G . -23.00 -14.99 35.66
O5D NDP G . -24.30 -12.66 34.90
C5D NDP G . -25.02 -11.46 35.21
C4D NDP G . -24.18 -10.27 34.74
O4D NDP G . -23.33 -10.50 33.56
C3D NDP G . -25.14 -9.16 34.31
O3D NDP G . -24.58 -7.92 34.67
C2D NDP G . -25.16 -9.31 32.79
O2D NDP G . -25.67 -8.14 32.10
C1D NDP G . -23.69 -9.49 32.54
N1N NDP G . -23.35 -9.92 31.16
C2N NDP G . -22.26 -9.32 30.52
C3N NDP G . -21.85 -9.66 29.23
C7N NDP G . -20.75 -9.03 28.57
O7N NDP G . -20.43 -9.38 27.44
N7N NDP G . -20.11 -8.04 29.19
C4N NDP G . -22.52 -10.66 28.53
C5N NDP G . -23.59 -11.26 29.20
C6N NDP G . -24.02 -10.92 30.49
P2B NDP G . -30.10 -20.61 38.37
O1X NDP G . -30.36 -19.36 39.14
O2X NDP G . -31.14 -20.95 37.38
O3X NDP G . -29.54 -21.72 39.17
CAI E9X H . -24.03 -7.97 23.96
CAE E9X H . -22.66 -8.30 24.53
CAJ E9X H . -22.39 -7.37 25.71
NAD E9X H . -21.63 -7.96 23.54
CAC E9X H . -20.63 -8.84 23.20
NAH E9X H . -19.67 -8.48 22.36
NAB E9X H . -20.64 -10.07 23.74
CAA E9X H . -21.61 -10.47 24.57
NAG E9X H . -21.55 -11.71 25.00
NAF E9X H . -22.61 -9.71 25.02
OAK E9X H . -24.07 -10.60 24.92
CAL E9X H . -25.06 -10.59 25.98
CAM E9X H . -26.48 -10.93 25.43
CAN E9X H . -27.61 -10.06 26.04
NAO E9X H . -27.96 -8.80 25.30
CAP E9X H . -28.54 -8.79 24.09
CAZ E9X H . -29.75 -8.11 23.85
CBA E9X H . -30.30 -8.04 22.57
CBB E9X H . -29.63 -8.66 21.53
CL E9X H . -30.16 -8.66 19.98
CAR E9X H . -28.43 -9.31 21.75
CAQ E9X H . -27.88 -9.38 23.01
CAS E9X H . -27.40 -7.52 25.88
CAT E9X H . -28.18 -6.57 26.64
CAU E9X H . -29.03 -5.63 26.03
CAV E9X H . -29.73 -4.68 26.80
CAW E9X H . -29.59 -4.60 28.19
CAX E9X H . -28.72 -5.51 28.81
CAY E9X H . -28.02 -6.45 28.03
#